data_6FPF
#
_entry.id   6FPF
#
_cell.length_a   82.768
_cell.length_b   83.478
_cell.length_c   186.732
_cell.angle_alpha   90.00
_cell.angle_beta   90.00
_cell.angle_gamma   90.00
#
_symmetry.space_group_name_H-M   'P 2 21 21'
#
loop_
_entity.id
_entity.type
_entity.pdbx_description
1 polymer 'Chromosome 16, whole genome shotgun sequence'
2 non-polymer 'MANGANESE (II) ION'
3 water water
#
_entity_poly.entity_id   1
_entity_poly.type   'polypeptide(L)'
_entity_poly.pdbx_seq_one_letter_code
;MAAVSGKSEAAEIEAGDRLDALRDQLQRYETPIIQTILARSALGGRAPSEQDEVRAALSRNAFEPSEVISEWLQTESGAR
FRSTRPLPPAVEFITPVVLSRDTVLDKPVVGKGIFPIGRRPQDPTNMDEFLDTSLLSLNQSSTVDLASAVSLDVSLLHLV
SARVLLGYPIALAKFDWLHDNFCHILTNTTLSKSQKLANIIQQLTDHKQEVNVLSRVEQKSKSLSHLFRNDIPYPPHTQD
RILRLFQAYLIPITTQIEAAAILDHANKCTLEHHHHHH
;
_entity_poly.pdbx_strand_id   A,C,D,E
#
# COMPACT_ATOMS: atom_id res chain seq x y z
N GLU A 14 23.80 -31.49 7.10
CA GLU A 14 23.13 -30.28 6.56
C GLU A 14 21.66 -30.38 6.78
N ALA A 15 20.98 -31.44 6.32
CA ALA A 15 19.53 -31.58 6.51
C ALA A 15 19.04 -31.49 8.03
N GLY A 16 19.74 -32.19 8.93
CA GLY A 16 19.43 -32.23 10.36
C GLY A 16 19.56 -30.82 10.91
N ASP A 17 20.65 -30.13 10.49
CA ASP A 17 20.83 -28.70 10.82
C ASP A 17 19.80 -27.74 10.21
N ARG A 18 19.53 -27.85 8.92
CA ARG A 18 18.43 -27.16 8.36
C ARG A 18 17.09 -27.27 9.12
N LEU A 19 16.74 -28.46 9.50
CA LEU A 19 15.52 -28.72 10.20
C LEU A 19 15.56 -28.15 11.59
N ASP A 20 16.70 -28.24 12.28
CA ASP A 20 16.79 -27.60 13.57
C ASP A 20 16.64 -26.04 13.50
N ALA A 21 17.28 -25.41 12.51
CA ALA A 21 17.17 -24.02 12.30
C ALA A 21 15.69 -23.57 12.02
N LEU A 22 14.96 -24.39 11.29
CA LEU A 22 13.50 -24.14 10.95
C LEU A 22 12.65 -24.37 12.14
N ARG A 23 12.99 -25.33 12.98
CA ARG A 23 12.23 -25.54 14.21
C ARG A 23 12.41 -24.41 15.18
N ASP A 24 13.62 -23.86 15.29
CA ASP A 24 13.76 -22.66 16.09
C ASP A 24 12.95 -21.46 15.54
N GLN A 25 13.00 -21.25 14.22
CA GLN A 25 12.25 -20.24 13.60
C GLN A 25 10.71 -20.41 13.89
N LEU A 26 10.21 -21.62 14.01
CA LEU A 26 8.85 -21.89 14.31
C LEU A 26 8.56 -21.45 15.72
N GLN A 27 9.42 -21.83 16.64
CA GLN A 27 9.28 -21.51 18.06
C GLN A 27 9.42 -20.03 18.28
N ARG A 28 10.15 -19.31 17.48
CA ARG A 28 10.23 -17.93 17.74
C ARG A 28 8.87 -17.21 17.49
N TYR A 29 7.89 -17.82 16.82
CA TYR A 29 6.54 -17.17 16.73
C TYR A 29 5.74 -17.29 17.98
N GLU A 30 6.12 -18.16 18.92
CA GLU A 30 5.17 -18.49 19.96
C GLU A 30 4.96 -17.31 20.97
N THR A 31 6.05 -16.84 21.58
CA THR A 31 5.96 -15.70 22.44
C THR A 31 5.37 -14.46 21.77
N PRO A 32 5.82 -14.10 20.57
CA PRO A 32 5.23 -12.93 19.81
C PRO A 32 3.74 -13.08 19.59
N ILE A 33 3.25 -14.27 19.24
CA ILE A 33 1.79 -14.42 19.08
C ILE A 33 1.08 -14.21 20.40
N ILE A 34 1.57 -14.80 21.50
CA ILE A 34 0.89 -14.72 22.74
C ILE A 34 0.91 -13.26 23.28
N GLN A 35 2.10 -12.64 23.28
N GLN A 35 2.07 -12.62 23.22
CA GLN A 35 2.24 -11.22 23.73
CA GLN A 35 2.19 -11.22 23.70
C GLN A 35 1.38 -10.24 22.88
C GLN A 35 1.38 -10.23 22.86
N THR A 36 1.17 -10.56 21.60
CA THR A 36 0.45 -9.61 20.73
C THR A 36 -1.00 -9.75 21.10
N ILE A 37 -1.48 -10.97 21.30
CA ILE A 37 -2.93 -11.19 21.67
C ILE A 37 -3.13 -10.49 23.05
N LEU A 38 -2.17 -10.64 23.94
CA LEU A 38 -2.36 -10.05 25.27
C LEU A 38 -2.35 -8.50 25.18
N ALA A 39 -1.49 -7.93 24.34
CA ALA A 39 -1.34 -6.52 24.25
C ALA A 39 -2.71 -5.97 23.79
N ARG A 40 -3.25 -6.60 22.76
CA ARG A 40 -4.54 -6.11 22.24
C ARG A 40 -5.62 -6.29 23.32
N SER A 41 -5.64 -7.41 24.03
CA SER A 41 -6.70 -7.66 25.00
C SER A 41 -6.53 -6.76 26.26
N ALA A 42 -5.29 -6.48 26.62
CA ALA A 42 -5.09 -5.46 27.73
C ALA A 42 -5.45 -4.01 27.35
N LEU A 43 -5.32 -3.67 26.11
CA LEU A 43 -5.46 -2.26 25.62
C LEU A 43 -6.88 -1.63 25.80
N GLY A 44 -7.92 -2.38 25.52
CA GLY A 44 -9.28 -1.82 25.60
C GLY A 44 -10.26 -2.65 24.80
N GLY A 45 -11.50 -2.16 24.74
CA GLY A 45 -12.56 -2.82 23.98
C GLY A 45 -12.38 -2.50 22.46
N ARG A 46 -13.46 -2.74 21.68
CA ARG A 46 -13.43 -2.78 20.22
C ARG A 46 -13.78 -1.40 19.71
N ALA A 47 -13.00 -0.85 18.78
CA ALA A 47 -13.33 0.47 18.26
C ALA A 47 -14.43 0.42 17.26
N PRO A 48 -15.12 1.53 17.04
CA PRO A 48 -16.17 1.51 15.91
C PRO A 48 -15.40 1.29 14.58
N SER A 49 -15.95 0.41 13.80
CA SER A 49 -15.42 0.14 12.47
C SER A 49 -14.04 -0.57 12.51
N GLU A 50 -13.73 -1.29 13.59
CA GLU A 50 -12.40 -1.88 13.73
C GLU A 50 -12.16 -2.92 12.66
N GLN A 51 -13.15 -3.77 12.44
CA GLN A 51 -12.98 -4.89 11.55
C GLN A 51 -12.87 -4.33 10.03
N ASP A 52 -13.62 -3.32 9.72
CA ASP A 52 -13.53 -2.68 8.38
C ASP A 52 -12.14 -1.98 8.25
N GLU A 53 -11.63 -1.38 9.33
CA GLU A 53 -10.29 -0.77 9.30
C GLU A 53 -9.21 -1.73 9.13
N VAL A 54 -9.34 -2.90 9.70
CA VAL A 54 -8.35 -3.91 9.56
C VAL A 54 -8.30 -4.43 8.09
N ARG A 55 -9.48 -4.79 7.51
CA ARG A 55 -9.43 -5.28 6.14
C ARG A 55 -8.92 -4.17 5.19
N ALA A 56 -9.33 -2.92 5.42
CA ALA A 56 -8.80 -1.84 4.55
C ALA A 56 -7.28 -1.75 4.68
N ALA A 57 -6.70 -1.80 5.90
CA ALA A 57 -5.24 -1.69 6.02
C ALA A 57 -4.57 -2.83 5.27
N LEU A 58 -5.19 -4.03 5.25
CA LEU A 58 -4.52 -5.19 4.61
C LEU A 58 -4.56 -4.91 3.06
N SER A 59 -5.57 -4.18 2.57
N SER A 59 -5.56 -4.20 2.55
CA SER A 59 -5.62 -3.81 1.15
CA SER A 59 -5.56 -3.89 1.13
C SER A 59 -4.60 -2.85 0.69
C SER A 59 -4.60 -2.85 0.69
N ARG A 60 -4.06 -2.08 1.60
CA ARG A 60 -3.18 -0.99 1.22
C ARG A 60 -1.71 -1.55 1.26
N ASN A 61 -1.46 -2.77 1.57
CA ASN A 61 0.01 -2.99 1.65
C ASN A 61 0.33 -3.73 0.32
N ALA A 62 1.55 -3.91 0.05
CA ALA A 62 1.92 -4.71 -1.02
C ALA A 62 2.97 -5.78 -0.71
N PHE A 63 2.88 -6.37 0.44
CA PHE A 63 3.78 -7.43 0.80
C PHE A 63 3.38 -8.60 -0.07
N GLU A 64 4.37 -9.31 -0.50
CA GLU A 64 4.13 -10.52 -1.19
C GLU A 64 4.92 -11.67 -0.58
N PRO A 65 4.40 -12.89 -0.70
CA PRO A 65 5.15 -13.97 -0.12
C PRO A 65 6.48 -14.16 -0.98
N SER A 66 7.36 -15.04 -0.50
CA SER A 66 8.59 -15.30 -1.14
C SER A 66 8.28 -15.98 -2.42
N GLU A 67 9.30 -16.03 -3.26
CA GLU A 67 9.09 -16.59 -4.54
C GLU A 67 8.62 -18.06 -4.50
N VAL A 68 9.22 -18.82 -3.60
CA VAL A 68 8.88 -20.24 -3.43
C VAL A 68 7.39 -20.39 -3.01
N ILE A 69 6.99 -19.61 -2.09
CA ILE A 69 5.57 -19.69 -1.56
C ILE A 69 4.52 -19.20 -2.55
N SER A 70 4.87 -18.12 -3.19
CA SER A 70 4.00 -17.54 -4.22
C SER A 70 3.80 -18.55 -5.31
N GLU A 71 4.88 -19.17 -5.76
CA GLU A 71 4.71 -20.23 -6.73
C GLU A 71 3.89 -21.44 -6.24
N TRP A 72 4.21 -21.88 -5.01
CA TRP A 72 3.47 -23.02 -4.44
C TRP A 72 2.05 -22.62 -4.26
N LEU A 73 1.75 -21.36 -3.89
CA LEU A 73 0.27 -21.02 -3.81
C LEU A 73 -0.49 -21.01 -5.10
N GLN A 74 0.20 -21.07 -6.23
CA GLN A 74 -0.54 -21.12 -7.57
C GLN A 74 -0.73 -22.57 -8.06
N THR A 75 -0.18 -23.58 -7.33
CA THR A 75 -0.33 -25.01 -7.71
C THR A 75 -1.60 -25.58 -7.19
N GLU A 76 -1.94 -26.73 -7.72
CA GLU A 76 -3.11 -27.41 -7.22
C GLU A 76 -3.03 -27.69 -5.69
N SER A 77 -1.87 -28.03 -5.24
CA SER A 77 -1.58 -28.53 -3.91
C SER A 77 -1.70 -27.20 -2.96
N GLY A 78 -0.98 -26.17 -3.29
CA GLY A 78 -0.91 -24.98 -2.48
C GLY A 78 -2.07 -23.98 -2.57
N ALA A 79 -2.77 -23.97 -3.66
CA ALA A 79 -3.84 -22.95 -3.93
C ALA A 79 -4.97 -23.03 -2.87
N ARG A 80 -5.13 -24.15 -2.15
CA ARG A 80 -6.05 -24.26 -1.04
C ARG A 80 -5.68 -23.30 0.14
N PHE A 81 -4.45 -22.81 0.15
CA PHE A 81 -4.05 -21.95 1.28
C PHE A 81 -4.12 -20.50 0.85
N ARG A 82 -4.56 -20.22 -0.37
CA ARG A 82 -4.71 -18.88 -0.77
C ARG A 82 -5.95 -18.36 -0.13
N SER A 83 -5.92 -17.20 0.44
CA SER A 83 -7.06 -16.57 0.96
C SER A 83 -7.70 -15.66 -0.04
N THR A 84 -8.95 -15.33 0.19
CA THR A 84 -9.54 -14.17 -0.49
C THR A 84 -8.81 -12.88 -0.16
N ARG A 85 -8.47 -12.11 -1.17
CA ARG A 85 -7.91 -10.81 -0.91
C ARG A 85 -8.72 -9.94 -0.07
N PRO A 86 -8.09 -9.13 0.78
CA PRO A 86 -6.65 -8.94 0.91
C PRO A 86 -6.05 -9.78 2.07
N LEU A 87 -6.66 -10.87 2.47
CA LEU A 87 -6.14 -11.61 3.62
C LEU A 87 -4.85 -12.35 3.32
N PRO A 88 -3.95 -12.53 4.31
CA PRO A 88 -2.73 -13.25 4.04
C PRO A 88 -2.99 -14.73 3.91
N PRO A 89 -2.06 -15.43 3.39
CA PRO A 89 -2.23 -16.87 3.15
C PRO A 89 -2.47 -17.68 4.44
N ALA A 90 -3.32 -18.69 4.27
CA ALA A 90 -3.68 -19.70 5.25
C ALA A 90 -4.69 -19.30 6.29
N VAL A 91 -5.05 -18.03 6.40
CA VAL A 91 -5.93 -17.62 7.41
C VAL A 91 -7.39 -17.97 7.15
N GLU A 92 -7.71 -18.43 5.97
CA GLU A 92 -9.07 -18.92 5.70
C GLU A 92 -9.13 -20.36 5.58
N PHE A 93 -7.98 -21.05 5.66
CA PHE A 93 -8.03 -22.50 5.47
C PHE A 93 -8.79 -23.25 6.59
N ILE A 94 -9.66 -24.19 6.22
CA ILE A 94 -10.52 -24.89 7.14
C ILE A 94 -10.03 -26.31 7.34
N THR A 95 -9.54 -26.66 8.53
CA THR A 95 -9.23 -28.08 8.76
C THR A 95 -10.53 -28.84 9.06
N PRO A 96 -10.56 -30.17 8.88
CA PRO A 96 -11.88 -30.88 9.11
C PRO A 96 -12.22 -30.99 10.58
N VAL A 97 -13.51 -31.02 10.95
CA VAL A 97 -13.85 -31.34 12.30
C VAL A 97 -13.30 -32.74 12.65
N VAL A 98 -12.50 -32.90 13.68
CA VAL A 98 -12.06 -34.19 14.06
C VAL A 98 -12.34 -34.49 15.59
N LEU A 99 -12.82 -33.54 16.40
CA LEU A 99 -13.09 -33.82 17.71
C LEU A 99 -14.58 -33.76 17.89
N SER A 100 -15.04 -34.21 19.03
CA SER A 100 -16.48 -34.18 19.25
C SER A 100 -16.83 -32.99 20.17
N ARG A 101 -18.07 -32.59 20.10
CA ARG A 101 -18.58 -31.52 20.93
C ARG A 101 -18.10 -31.50 22.34
N ASP A 102 -18.12 -32.66 22.96
CA ASP A 102 -17.80 -32.71 24.44
C ASP A 102 -16.33 -33.05 24.72
N THR A 103 -15.47 -33.00 23.70
CA THR A 103 -14.04 -33.43 23.91
C THR A 103 -13.40 -32.54 24.98
N VAL A 104 -12.66 -33.10 25.88
CA VAL A 104 -12.01 -32.35 26.93
C VAL A 104 -10.64 -31.93 26.34
N LEU A 105 -10.36 -30.65 26.46
CA LEU A 105 -9.25 -30.06 25.78
C LEU A 105 -7.92 -29.98 26.45
N ASP A 106 -7.95 -29.67 27.75
CA ASP A 106 -6.71 -29.34 28.45
C ASP A 106 -6.41 -30.14 29.77
N LYS A 107 -7.06 -31.25 30.00
CA LYS A 107 -6.82 -32.12 31.11
C LYS A 107 -6.66 -33.53 30.62
N PRO A 108 -5.91 -34.35 31.35
CA PRO A 108 -5.80 -35.81 31.05
C PRO A 108 -7.13 -36.51 31.14
N VAL A 109 -7.41 -37.35 30.23
CA VAL A 109 -8.64 -38.09 30.20
C VAL A 109 -8.21 -39.56 30.03
N VAL A 110 -8.77 -40.42 30.86
CA VAL A 110 -8.34 -41.80 30.87
C VAL A 110 -8.52 -42.44 29.49
N GLY A 111 -7.44 -43.03 28.95
CA GLY A 111 -7.40 -43.68 27.64
C GLY A 111 -7.33 -42.72 26.44
N LYS A 112 -7.21 -41.39 26.65
CA LYS A 112 -7.14 -40.36 25.52
C LYS A 112 -6.02 -39.31 25.63
N GLY A 113 -5.23 -39.36 26.68
CA GLY A 113 -4.09 -38.47 26.90
C GLY A 113 -4.60 -37.07 27.21
N ILE A 114 -3.93 -36.12 26.61
CA ILE A 114 -4.18 -34.73 26.88
C ILE A 114 -3.94 -33.87 25.63
N PHE A 115 -4.60 -32.68 25.54
CA PHE A 115 -4.42 -31.74 24.41
C PHE A 115 -4.66 -32.32 23.01
N PRO A 116 -5.83 -32.96 22.81
CA PRO A 116 -6.11 -33.43 21.47
C PRO A 116 -6.19 -32.19 20.53
N ILE A 117 -5.74 -32.34 19.36
CA ILE A 117 -5.56 -31.29 18.37
C ILE A 117 -6.78 -31.17 17.47
N GLY A 118 -7.00 -30.02 16.86
CA GLY A 118 -7.95 -29.85 15.81
C GLY A 118 -9.30 -29.32 16.33
N ARG A 119 -10.23 -29.28 15.44
CA ARG A 119 -11.50 -28.51 15.64
C ARG A 119 -12.60 -29.47 16.08
N ARG A 120 -13.38 -28.96 16.98
CA ARG A 120 -14.71 -29.59 17.37
C ARG A 120 -15.78 -28.89 16.44
N PRO A 121 -17.00 -29.41 16.42
CA PRO A 121 -17.95 -28.81 15.52
C PRO A 121 -18.36 -27.41 15.88
N GLN A 122 -18.27 -27.00 17.11
CA GLN A 122 -18.62 -25.67 17.48
C GLN A 122 -17.45 -24.69 17.30
N ASP A 123 -16.23 -25.12 16.95
CA ASP A 123 -15.17 -24.16 16.75
C ASP A 123 -15.33 -23.41 15.41
N PRO A 124 -14.88 -22.17 15.37
CA PRO A 124 -14.95 -21.45 14.08
C PRO A 124 -14.12 -22.13 12.99
N THR A 125 -14.53 -21.97 11.78
CA THR A 125 -14.01 -22.75 10.68
C THR A 125 -12.50 -22.47 10.36
N ASN A 126 -12.04 -21.26 10.60
CA ASN A 126 -10.65 -20.83 10.28
C ASN A 126 -10.16 -19.73 11.17
N MET A 127 -8.88 -19.41 11.03
CA MET A 127 -8.30 -18.37 11.86
C MET A 127 -8.94 -17.00 11.72
N ASP A 128 -9.29 -16.65 10.52
CA ASP A 128 -9.98 -15.36 10.27
C ASP A 128 -11.27 -15.32 11.14
N GLU A 129 -12.09 -16.34 11.12
CA GLU A 129 -13.36 -16.30 11.83
C GLU A 129 -13.13 -16.39 13.34
N PHE A 130 -12.10 -17.17 13.76
CA PHE A 130 -11.79 -17.30 15.16
C PHE A 130 -11.35 -15.97 15.77
N LEU A 131 -10.47 -15.28 15.07
CA LEU A 131 -10.00 -13.96 15.53
C LEU A 131 -11.09 -12.88 15.39
N ASP A 132 -11.97 -12.96 14.39
CA ASP A 132 -13.07 -11.94 14.28
C ASP A 132 -14.10 -12.11 15.40
N THR A 133 -14.41 -13.35 15.67
CA THR A 133 -15.27 -13.67 16.74
C THR A 133 -14.70 -13.26 18.13
N SER A 134 -13.45 -13.52 18.36
CA SER A 134 -12.79 -12.99 19.58
C SER A 134 -12.99 -11.45 19.68
N LEU A 135 -12.78 -10.74 18.59
CA LEU A 135 -12.92 -9.28 18.66
C LEU A 135 -14.33 -8.87 18.93
N LEU A 136 -15.29 -9.58 18.33
CA LEU A 136 -16.69 -9.24 18.54
C LEU A 136 -17.09 -9.59 19.96
N SER A 137 -16.39 -10.45 20.67
CA SER A 137 -16.80 -10.67 22.07
C SER A 137 -16.49 -9.40 23.00
N LEU A 138 -15.63 -8.46 22.55
CA LEU A 138 -15.30 -7.32 23.41
C LEU A 138 -16.55 -6.38 23.41
N ASN A 139 -16.68 -5.57 24.40
CA ASN A 139 -17.59 -4.39 24.29
C ASN A 139 -16.98 -3.29 23.41
N GLN A 140 -17.86 -2.51 22.84
CA GLN A 140 -17.52 -1.43 22.08
C GLN A 140 -16.98 -0.32 22.96
N SER A 141 -15.99 0.42 22.48
CA SER A 141 -15.28 1.39 23.26
C SER A 141 -15.02 2.61 22.37
N SER A 142 -15.21 3.75 22.95
CA SER A 142 -15.00 5.01 22.23
C SER A 142 -13.74 5.58 22.73
N THR A 143 -13.07 5.01 23.72
CA THR A 143 -11.85 5.54 24.20
C THR A 143 -10.58 4.72 23.73
N VAL A 144 -10.69 3.52 23.24
CA VAL A 144 -9.61 2.76 22.74
C VAL A 144 -9.00 3.51 21.50
N ASP A 145 -7.68 3.56 21.43
CA ASP A 145 -6.99 4.19 20.31
C ASP A 145 -7.10 3.32 19.06
N LEU A 146 -7.77 3.82 18.03
CA LEU A 146 -8.10 3.03 16.78
C LEU A 146 -6.77 2.63 16.12
N ALA A 147 -5.83 3.54 16.00
CA ALA A 147 -4.59 3.19 15.30
C ALA A 147 -3.85 2.05 15.97
N SER A 148 -3.74 2.10 17.28
CA SER A 148 -3.05 1.01 18.04
C SER A 148 -3.78 -0.25 17.97
N ALA A 149 -5.09 -0.16 18.08
CA ALA A 149 -5.92 -1.39 18.01
C ALA A 149 -5.80 -2.08 16.67
N VAL A 150 -6.05 -1.33 15.60
CA VAL A 150 -5.97 -1.88 14.25
C VAL A 150 -4.57 -2.45 14.04
N SER A 151 -3.52 -1.68 14.40
CA SER A 151 -2.11 -2.14 14.11
C SER A 151 -1.78 -3.45 14.82
N LEU A 152 -2.26 -3.63 16.02
CA LEU A 152 -2.03 -4.88 16.72
C LEU A 152 -2.85 -5.99 16.09
N ASP A 153 -4.05 -5.72 15.70
CA ASP A 153 -4.82 -6.75 14.98
C ASP A 153 -4.17 -7.18 13.68
N VAL A 154 -3.67 -6.22 12.90
CA VAL A 154 -2.92 -6.55 11.71
C VAL A 154 -1.65 -7.34 12.01
N SER A 155 -0.97 -6.98 13.09
CA SER A 155 0.29 -7.67 13.43
C SER A 155 -0.06 -9.10 13.70
N LEU A 156 -1.19 -9.36 14.42
CA LEU A 156 -1.45 -10.80 14.73
C LEU A 156 -1.77 -11.66 13.50
N LEU A 157 -2.53 -11.09 12.55
CA LEU A 157 -2.83 -11.73 11.29
C LEU A 157 -1.55 -12.05 10.47
N HIS A 158 -0.58 -11.17 10.45
CA HIS A 158 0.69 -11.47 9.78
C HIS A 158 1.41 -12.52 10.48
N LEU A 159 1.34 -12.54 11.78
CA LEU A 159 2.15 -13.45 12.56
C LEU A 159 1.60 -14.86 12.39
N VAL A 160 0.28 -15.11 12.49
CA VAL A 160 -0.22 -16.42 12.46
C VAL A 160 -0.03 -17.00 11.04
N SER A 161 -0.13 -16.18 10.00
CA SER A 161 0.05 -16.62 8.65
C SER A 161 1.55 -17.04 8.44
N ALA A 162 2.52 -16.22 8.88
CA ALA A 162 3.93 -16.60 8.64
C ALA A 162 4.26 -17.79 9.46
N ARG A 163 3.66 -17.97 10.63
CA ARG A 163 3.94 -19.08 11.47
C ARG A 163 3.56 -20.37 10.76
N VAL A 164 2.35 -20.45 10.25
CA VAL A 164 1.94 -21.69 9.63
C VAL A 164 2.63 -21.94 8.31
N LEU A 165 3.07 -20.89 7.61
CA LEU A 165 3.75 -21.02 6.37
C LEU A 165 5.14 -21.60 6.53
N LEU A 166 5.72 -21.60 7.74
CA LEU A 166 6.92 -22.35 7.92
C LEU A 166 6.82 -23.85 7.65
N GLY A 167 5.60 -24.35 7.71
CA GLY A 167 5.31 -25.79 7.34
C GLY A 167 5.92 -26.16 6.00
N TYR A 168 5.98 -25.21 5.07
CA TYR A 168 6.45 -25.56 3.74
C TYR A 168 7.99 -25.93 3.74
N PRO A 169 8.89 -25.02 4.23
CA PRO A 169 10.35 -25.40 4.23
C PRO A 169 10.59 -26.49 5.26
N ILE A 170 9.75 -26.54 6.31
CA ILE A 170 9.96 -27.66 7.28
C ILE A 170 9.72 -29.07 6.65
N ALA A 171 8.69 -29.17 5.88
CA ALA A 171 8.39 -30.42 5.21
C ALA A 171 9.56 -30.81 4.23
N LEU A 172 10.05 -29.87 3.44
CA LEU A 172 11.15 -30.22 2.50
C LEU A 172 12.38 -30.66 3.24
N ALA A 173 12.68 -30.06 4.40
CA ALA A 173 13.72 -30.52 5.25
C ALA A 173 13.42 -31.82 5.94
N LYS A 174 12.17 -32.07 6.35
CA LYS A 174 11.88 -33.44 6.82
C LYS A 174 12.05 -34.48 5.69
N PHE A 175 11.66 -34.15 4.47
CA PHE A 175 11.65 -35.09 3.34
C PHE A 175 13.09 -35.45 3.04
N ASP A 176 13.98 -34.49 3.00
CA ASP A 176 15.38 -34.75 2.77
C ASP A 176 16.03 -35.59 3.84
N TRP A 177 15.31 -36.00 4.89
CA TRP A 177 15.81 -36.73 6.03
C TRP A 177 15.11 -38.11 6.16
N LEU A 178 13.83 -38.19 5.89
CA LEU A 178 13.00 -39.35 6.20
C LEU A 178 12.37 -39.69 4.89
N HIS A 179 13.22 -39.62 3.90
CA HIS A 179 12.85 -39.86 2.53
C HIS A 179 12.02 -41.17 2.29
N ASP A 180 12.51 -42.27 2.92
CA ASP A 180 11.96 -43.61 2.62
C ASP A 180 10.53 -43.76 3.13
N ASN A 181 10.28 -43.37 4.38
CA ASN A 181 8.91 -43.41 4.95
C ASN A 181 7.88 -42.64 4.12
N PHE A 182 8.25 -41.48 3.55
CA PHE A 182 7.30 -40.69 2.76
C PHE A 182 7.05 -41.34 1.38
N CYS A 183 8.12 -41.74 0.76
CA CYS A 183 8.09 -42.32 -0.61
C CYS A 183 7.33 -43.66 -0.61
N HIS A 184 7.50 -44.38 0.41
CA HIS A 184 6.65 -45.52 0.62
C HIS A 184 5.11 -45.27 0.52
N ILE A 185 4.63 -44.12 0.99
CA ILE A 185 3.26 -43.74 0.78
C ILE A 185 3.04 -43.18 -0.60
N LEU A 186 3.94 -42.30 -1.04
CA LEU A 186 3.70 -41.58 -2.28
C LEU A 186 3.72 -42.56 -3.48
N THR A 187 4.60 -43.60 -3.47
CA THR A 187 4.65 -44.60 -4.63
C THR A 187 3.57 -45.71 -4.55
N ASN A 188 2.74 -45.76 -3.47
CA ASN A 188 1.66 -46.70 -3.35
C ASN A 188 0.51 -46.31 -4.25
N THR A 189 0.52 -46.88 -5.47
CA THR A 189 -0.46 -46.61 -6.53
C THR A 189 -1.90 -47.04 -6.23
N THR A 190 -2.12 -47.80 -5.14
CA THR A 190 -3.46 -48.22 -4.72
C THR A 190 -4.13 -47.17 -3.82
N LEU A 191 -3.35 -46.17 -3.41
CA LEU A 191 -3.89 -45.14 -2.50
C LEU A 191 -4.42 -43.96 -3.34
N SER A 192 -5.65 -43.55 -3.08
CA SER A 192 -6.14 -42.21 -3.61
C SER A 192 -5.32 -41.03 -3.06
N LYS A 193 -5.33 -39.90 -3.77
CA LYS A 193 -4.78 -38.65 -3.22
C LYS A 193 -5.17 -38.29 -1.75
N SER A 194 -6.45 -38.39 -1.47
CA SER A 194 -7.00 -38.22 -0.16
C SER A 194 -6.46 -39.23 0.83
N GLN A 195 -6.30 -40.52 0.49
CA GLN A 195 -5.68 -41.44 1.50
C GLN A 195 -4.17 -41.11 1.72
N LYS A 196 -3.49 -40.64 0.68
CA LYS A 196 -2.08 -40.38 0.71
C LYS A 196 -1.86 -39.19 1.66
N LEU A 197 -2.57 -38.11 1.37
CA LEU A 197 -2.55 -36.95 2.22
C LEU A 197 -2.74 -37.32 3.66
N ALA A 198 -3.77 -38.11 3.98
CA ALA A 198 -4.05 -38.60 5.32
C ALA A 198 -3.00 -39.45 5.94
N ASN A 199 -2.36 -40.30 5.13
CA ASN A 199 -1.19 -41.10 5.63
C ASN A 199 0.04 -40.19 5.90
N ILE A 200 0.27 -39.24 4.99
CA ILE A 200 1.37 -38.27 5.18
C ILE A 200 1.12 -37.42 6.47
N ILE A 201 -0.11 -37.03 6.70
CA ILE A 201 -0.39 -36.19 7.93
C ILE A 201 -0.05 -37.05 9.13
N GLN A 202 -0.55 -38.31 9.11
CA GLN A 202 -0.31 -39.19 10.25
C GLN A 202 1.22 -39.43 10.47
N GLN A 203 1.96 -39.64 9.41
CA GLN A 203 3.44 -39.79 9.48
C GLN A 203 4.07 -38.52 10.05
N LEU A 204 3.60 -37.32 9.69
CA LEU A 204 4.18 -36.09 10.23
C LEU A 204 3.82 -35.79 11.73
N THR A 205 2.84 -36.44 12.31
CA THR A 205 2.32 -36.05 13.56
C THR A 205 3.14 -36.66 14.62
N ASP A 206 3.63 -35.82 15.51
CA ASP A 206 4.25 -36.24 16.75
C ASP A 206 3.47 -35.64 17.98
N HIS A 207 2.61 -36.42 18.66
CA HIS A 207 1.79 -35.86 19.68
C HIS A 207 2.57 -35.45 20.89
N LYS A 208 3.67 -36.15 21.10
CA LYS A 208 4.51 -35.81 22.21
C LYS A 208 5.11 -34.43 22.14
N GLN A 209 5.56 -34.07 20.96
CA GLN A 209 5.92 -32.71 20.65
C GLN A 209 4.76 -31.69 20.68
N GLU A 210 3.60 -32.10 20.22
CA GLU A 210 2.36 -31.24 20.34
C GLU A 210 2.10 -30.93 21.85
N VAL A 211 2.23 -31.95 22.66
CA VAL A 211 1.95 -31.80 24.08
C VAL A 211 3.00 -30.87 24.73
N ASN A 212 4.26 -31.03 24.38
CA ASN A 212 5.28 -30.11 24.79
C ASN A 212 4.99 -28.60 24.49
N VAL A 213 4.55 -28.30 23.28
CA VAL A 213 4.26 -26.93 22.87
C VAL A 213 3.04 -26.50 23.61
N LEU A 214 1.98 -27.30 23.65
CA LEU A 214 0.72 -26.83 24.18
C LEU A 214 0.84 -26.63 25.71
N SER A 215 1.63 -27.48 26.40
CA SER A 215 1.90 -27.25 27.82
C SER A 215 2.59 -25.94 28.08
N ARG A 216 3.56 -25.65 27.28
CA ARG A 216 4.29 -24.35 27.48
C ARG A 216 3.36 -23.15 27.05
N VAL A 217 2.57 -23.29 25.95
CA VAL A 217 1.58 -22.22 25.58
C VAL A 217 0.68 -21.96 26.74
N GLU A 218 0.21 -23.04 27.38
CA GLU A 218 -0.74 -22.79 28.44
C GLU A 218 -0.03 -22.08 29.61
N GLN A 219 1.13 -22.55 30.01
CA GLN A 219 1.88 -21.85 31.07
C GLN A 219 2.17 -20.36 30.76
N LYS A 220 2.57 -20.10 29.51
CA LYS A 220 2.74 -18.67 29.08
C LYS A 220 1.56 -17.89 29.16
N SER A 221 0.47 -18.47 28.77
CA SER A 221 -0.76 -17.66 28.78
C SER A 221 -1.18 -17.33 30.17
N LYS A 222 -0.80 -18.16 31.15
CA LYS A 222 -1.20 -17.81 32.55
C LYS A 222 -0.17 -16.86 33.16
N SER A 223 1.08 -17.16 32.99
CA SER A 223 2.13 -16.33 33.57
C SER A 223 2.20 -14.93 33.01
N LEU A 224 1.92 -14.74 31.73
CA LEU A 224 2.05 -13.44 31.11
C LEU A 224 0.79 -12.62 31.28
N SER A 225 -0.27 -13.19 31.87
CA SER A 225 -1.52 -12.45 32.04
C SER A 225 -1.92 -12.06 33.37
N HIS A 226 -0.97 -11.99 34.26
CA HIS A 226 -1.24 -11.47 35.59
C HIS A 226 -1.40 -10.01 35.59
N LEU A 227 -2.03 -9.54 36.63
CA LEU A 227 -2.35 -8.19 36.87
C LEU A 227 -1.68 -7.65 38.13
N PHE A 228 -1.40 -6.35 38.06
CA PHE A 228 -0.81 -5.62 39.12
C PHE A 228 -1.96 -4.81 39.64
N ARG A 229 -1.71 -4.27 40.79
CA ARG A 229 -2.72 -3.46 41.39
C ARG A 229 -3.22 -2.26 40.55
N ASN A 230 -4.57 -2.07 40.51
CA ASN A 230 -5.24 -1.20 39.62
C ASN A 230 -5.17 -1.42 38.07
N ASP A 231 -4.59 -2.54 37.63
CA ASP A 231 -4.64 -2.91 36.27
C ASP A 231 -6.10 -3.20 35.92
N ILE A 232 -6.45 -2.95 34.68
CA ILE A 232 -7.72 -3.40 34.18
C ILE A 232 -7.71 -4.88 33.73
N PRO A 233 -8.73 -5.65 34.13
CA PRO A 233 -8.65 -7.03 33.88
C PRO A 233 -8.64 -7.37 32.38
N TYR A 234 -8.11 -8.51 32.04
CA TYR A 234 -8.29 -9.01 30.68
C TYR A 234 -9.78 -9.42 30.46
N PRO A 235 -10.26 -9.48 29.22
CA PRO A 235 -11.56 -10.03 29.03
C PRO A 235 -11.62 -11.50 29.43
N PRO A 236 -12.83 -11.95 29.81
CA PRO A 236 -12.96 -13.37 30.22
C PRO A 236 -12.58 -14.33 29.07
N HIS A 237 -12.05 -15.44 29.45
CA HIS A 237 -11.60 -16.50 28.53
C HIS A 237 -10.37 -16.13 27.65
N THR A 238 -9.63 -15.10 27.96
CA THR A 238 -8.53 -14.70 27.21
C THR A 238 -7.46 -15.88 27.17
N GLN A 239 -7.11 -16.47 28.31
CA GLN A 239 -6.16 -17.60 28.35
C GLN A 239 -6.66 -18.82 27.55
N ASP A 240 -7.90 -19.19 27.68
CA ASP A 240 -8.46 -20.25 26.88
C ASP A 240 -8.38 -20.00 25.37
N ARG A 241 -8.57 -18.78 24.97
CA ARG A 241 -8.53 -18.43 23.57
C ARG A 241 -7.12 -18.57 23.03
N ILE A 242 -6.14 -18.09 23.78
CA ILE A 242 -4.74 -18.18 23.37
C ILE A 242 -4.40 -19.65 23.13
N LEU A 243 -4.72 -20.55 24.09
CA LEU A 243 -4.48 -21.96 23.93
C LEU A 243 -5.25 -22.53 22.69
N ARG A 244 -6.54 -22.18 22.56
CA ARG A 244 -7.30 -22.61 21.43
C ARG A 244 -6.70 -22.25 20.06
N LEU A 245 -6.14 -21.06 19.93
CA LEU A 245 -5.50 -20.67 18.67
C LEU A 245 -4.42 -21.69 18.30
N PHE A 246 -3.57 -22.07 19.28
CA PHE A 246 -2.49 -23.01 18.94
C PHE A 246 -3.06 -24.42 18.65
N GLN A 247 -3.99 -24.83 19.48
CA GLN A 247 -4.42 -26.30 19.59
C GLN A 247 -5.33 -26.63 18.48
N ALA A 248 -6.16 -25.70 18.07
CA ALA A 248 -7.19 -26.04 17.06
C ALA A 248 -6.85 -25.51 15.66
N TYR A 249 -5.92 -24.58 15.58
CA TYR A 249 -5.58 -23.92 14.33
C TYR A 249 -4.05 -23.98 14.04
N LEU A 250 -3.21 -23.28 14.79
CA LEU A 250 -1.77 -23.23 14.37
C LEU A 250 -1.14 -24.54 14.10
N ILE A 251 -1.24 -25.47 15.02
CA ILE A 251 -0.58 -26.74 14.90
C ILE A 251 -1.20 -27.60 13.75
N PRO A 252 -2.52 -27.77 13.71
CA PRO A 252 -3.11 -28.60 12.58
C PRO A 252 -2.91 -27.99 11.21
N ILE A 253 -3.04 -26.65 11.11
CA ILE A 253 -2.86 -26.02 9.78
C ILE A 253 -1.39 -26.19 9.33
N THR A 254 -0.44 -26.06 10.26
CA THR A 254 0.96 -26.24 9.93
C THR A 254 1.20 -27.65 9.39
N THR A 255 0.62 -28.64 10.06
CA THR A 255 0.75 -30.02 9.60
C THR A 255 0.12 -30.21 8.25
N GLN A 256 -1.02 -29.58 8.01
CA GLN A 256 -1.60 -29.70 6.68
C GLN A 256 -0.75 -29.07 5.56
N ILE A 257 -0.08 -27.94 5.86
CA ILE A 257 0.72 -27.31 4.89
C ILE A 257 1.92 -28.27 4.61
N GLU A 258 2.48 -28.83 5.65
CA GLU A 258 3.64 -29.71 5.46
C GLU A 258 3.25 -30.89 4.60
N ALA A 259 2.08 -31.44 4.84
CA ALA A 259 1.62 -32.64 4.07
C ALA A 259 1.49 -32.30 2.63
N ALA A 260 0.94 -31.13 2.35
CA ALA A 260 0.70 -30.73 0.98
C ALA A 260 2.08 -30.50 0.34
N ALA A 261 3.03 -29.95 1.06
CA ALA A 261 4.32 -29.78 0.45
C ALA A 261 4.99 -31.14 0.12
N ILE A 262 4.81 -32.17 0.94
CA ILE A 262 5.41 -33.44 0.72
C ILE A 262 4.81 -34.03 -0.60
N LEU A 263 3.47 -33.96 -0.70
CA LEU A 263 2.76 -34.30 -1.89
C LEU A 263 3.26 -33.55 -3.13
N ASP A 264 3.54 -32.28 -2.99
CA ASP A 264 3.99 -31.37 -4.05
C ASP A 264 5.41 -31.76 -4.53
N HIS A 265 6.11 -32.63 -3.80
CA HIS A 265 7.48 -32.93 -4.10
C HIS A 265 7.64 -34.41 -4.26
N ALA A 266 6.61 -35.10 -4.76
CA ALA A 266 6.69 -36.56 -4.96
C ALA A 266 7.66 -36.97 -6.12
N ASN A 267 8.00 -36.01 -6.99
CA ASN A 267 9.02 -36.24 -8.08
C ASN A 267 10.31 -36.76 -7.51
N LYS A 268 10.64 -36.31 -6.30
CA LYS A 268 11.84 -36.70 -5.60
C LYS A 268 11.93 -38.16 -5.17
N CYS A 269 10.88 -38.96 -5.44
CA CYS A 269 10.91 -40.37 -5.08
C CYS A 269 11.62 -41.30 -6.13
N THR A 270 12.13 -40.73 -7.23
CA THR A 270 12.49 -41.52 -8.45
C THR A 270 13.62 -42.58 -8.27
N GLY B 16 -12.42 15.95 39.66
CA GLY B 16 -11.62 14.99 40.51
C GLY B 16 -11.83 13.49 40.22
N ASP B 17 -13.07 13.11 39.92
CA ASP B 17 -13.40 11.78 39.40
C ASP B 17 -12.88 11.57 37.99
N ARG B 18 -12.96 12.66 37.17
CA ARG B 18 -12.55 12.63 35.77
C ARG B 18 -11.07 12.26 35.77
N LEU B 19 -10.33 12.82 36.75
CA LEU B 19 -8.90 12.62 36.90
C LEU B 19 -8.43 11.19 37.26
N ASP B 20 -9.10 10.57 38.24
CA ASP B 20 -8.97 9.13 38.50
C ASP B 20 -9.19 8.20 37.33
N ALA B 21 -10.26 8.41 36.59
CA ALA B 21 -10.54 7.62 35.47
C ALA B 21 -9.41 7.86 34.39
N LEU B 22 -8.88 9.08 34.30
CA LEU B 22 -7.81 9.34 33.34
C LEU B 22 -6.50 8.65 33.80
N ARG B 23 -6.22 8.61 35.08
CA ARG B 23 -5.10 7.90 35.59
C ARG B 23 -5.10 6.38 35.32
N ASP B 24 -6.26 5.77 35.49
CA ASP B 24 -6.43 4.41 35.08
C ASP B 24 -6.21 4.21 33.55
N GLN B 25 -6.70 5.12 32.72
CA GLN B 25 -6.54 5.04 31.26
C GLN B 25 -5.03 5.12 30.97
N LEU B 26 -4.32 5.97 31.72
CA LEU B 26 -2.93 6.11 31.42
C LEU B 26 -2.18 4.85 31.81
N GLN B 27 -2.46 4.34 32.98
CA GLN B 27 -1.80 3.19 33.42
C GLN B 27 -2.06 2.01 32.46
N ARG B 28 -3.25 1.99 31.87
CA ARG B 28 -3.60 0.99 30.94
C ARG B 28 -2.64 0.76 29.76
N TYR B 29 -1.91 1.75 29.40
CA TYR B 29 -1.00 1.64 28.27
C TYR B 29 0.26 0.88 28.67
N GLU B 30 0.51 0.70 29.98
CA GLU B 30 1.81 0.09 30.36
C GLU B 30 1.98 -1.33 29.75
N THR B 31 1.07 -2.21 30.09
CA THR B 31 1.18 -3.59 29.70
C THR B 31 1.22 -3.75 28.13
N PRO B 32 0.35 -3.09 27.38
CA PRO B 32 0.38 -3.22 25.92
C PRO B 32 1.71 -2.73 25.40
N ILE B 33 2.26 -1.63 25.94
CA ILE B 33 3.54 -1.13 25.42
C ILE B 33 4.68 -2.16 25.68
N ILE B 34 4.67 -2.73 26.86
CA ILE B 34 5.71 -3.68 27.26
C ILE B 34 5.58 -4.96 26.47
N GLN B 35 4.37 -5.47 26.36
CA GLN B 35 4.18 -6.73 25.59
C GLN B 35 4.51 -6.56 24.11
N THR B 36 4.18 -5.39 23.55
CA THR B 36 4.47 -5.15 22.13
C THR B 36 5.98 -5.05 21.90
N ILE B 37 6.73 -4.43 22.81
CA ILE B 37 8.21 -4.40 22.68
C ILE B 37 8.74 -5.80 22.86
N LEU B 38 8.22 -6.58 23.82
CA LEU B 38 8.71 -7.91 23.99
C LEU B 38 8.37 -8.82 22.80
N ALA B 39 7.23 -8.63 22.21
CA ALA B 39 6.87 -9.44 21.05
C ALA B 39 7.90 -9.19 19.91
N ARG B 40 8.15 -7.91 19.62
CA ARG B 40 9.12 -7.59 18.58
C ARG B 40 10.51 -8.15 18.93
N SER B 41 10.93 -8.03 20.16
CA SER B 41 12.25 -8.50 20.57
C SER B 41 12.38 -10.01 20.49
N ALA B 42 11.35 -10.75 20.80
CA ALA B 42 11.41 -12.18 20.74
C ALA B 42 11.32 -12.66 19.30
N LEU B 43 10.69 -11.91 18.45
CA LEU B 43 10.46 -12.41 17.08
C LEU B 43 11.71 -12.73 16.30
N GLY B 44 12.73 -11.87 16.45
CA GLY B 44 13.95 -12.07 15.72
C GLY B 44 14.71 -10.74 15.51
N GLY B 45 15.75 -10.84 14.68
CA GLY B 45 16.59 -9.68 14.34
C GLY B 45 15.92 -8.64 13.45
N ARG B 46 16.72 -7.68 12.99
CA ARG B 46 16.21 -6.59 12.20
C ARG B 46 16.14 -6.95 10.69
N ALA B 47 15.04 -6.61 10.03
CA ALA B 47 14.87 -6.94 8.65
C ALA B 47 15.56 -5.92 7.78
N PRO B 48 15.96 -6.34 6.62
CA PRO B 48 16.55 -5.35 5.69
C PRO B 48 15.62 -4.11 5.42
N SER B 49 16.14 -2.93 5.48
CA SER B 49 15.28 -1.76 5.15
C SER B 49 13.94 -1.61 6.07
N GLU B 50 14.00 -2.13 7.32
CA GLU B 50 12.83 -2.24 8.19
C GLU B 50 12.39 -0.82 8.43
N GLN B 51 13.35 0.05 8.71
CA GLN B 51 13.05 1.38 9.01
C GLN B 51 12.31 2.07 7.82
N ASP B 52 12.76 1.84 6.60
CA ASP B 52 12.09 2.47 5.52
C ASP B 52 10.61 1.87 5.37
N GLU B 53 10.44 0.60 5.65
CA GLU B 53 9.19 -0.10 5.51
C GLU B 53 8.20 0.35 6.56
N VAL B 54 8.72 0.78 7.69
CA VAL B 54 7.94 1.35 8.79
C VAL B 54 7.38 2.69 8.35
N ARG B 55 8.22 3.54 7.78
CA ARG B 55 7.82 4.82 7.27
C ARG B 55 6.79 4.68 6.16
N ALA B 56 6.96 3.70 5.26
CA ALA B 56 6.02 3.47 4.25
C ALA B 56 4.70 3.00 4.80
N ALA B 57 4.68 2.11 5.81
CA ALA B 57 3.43 1.68 6.36
C ALA B 57 2.66 2.82 7.04
N LEU B 58 3.37 3.67 7.80
CA LEU B 58 2.83 4.80 8.45
C LEU B 58 2.13 5.76 7.42
N SER B 59 2.78 5.94 6.28
N SER B 59 2.77 5.90 6.31
CA SER B 59 2.31 6.82 5.16
CA SER B 59 2.33 6.78 5.23
C SER B 59 1.05 6.26 4.59
C SER B 59 1.05 6.25 4.61
N ARG B 60 0.95 4.94 4.44
CA ARG B 60 -0.23 4.33 3.84
C ARG B 60 -1.35 4.07 4.80
N ASN B 61 -1.05 4.15 6.10
CA ASN B 61 -2.07 3.91 7.12
C ASN B 61 -2.08 5.01 8.16
N ALA B 62 -2.32 6.22 7.69
CA ALA B 62 -2.27 7.39 8.59
C ALA B 62 -3.56 7.52 9.33
N PHE B 63 -3.47 7.68 10.60
CA PHE B 63 -4.64 7.84 11.50
C PHE B 63 -4.53 9.24 12.10
N GLU B 64 -5.38 10.13 11.64
CA GLU B 64 -5.30 11.53 12.06
C GLU B 64 -5.75 11.60 13.53
N PRO B 65 -5.22 12.56 14.22
CA PRO B 65 -5.59 12.71 15.66
C PRO B 65 -7.03 13.26 15.77
N SER B 66 -7.56 13.23 16.95
CA SER B 66 -8.96 13.82 17.19
C SER B 66 -8.94 15.30 16.75
N GLU B 67 -10.12 15.83 16.59
CA GLU B 67 -10.28 17.26 16.19
C GLU B 67 -9.62 18.19 17.20
N VAL B 68 -9.91 17.95 18.48
CA VAL B 68 -9.38 18.79 19.60
C VAL B 68 -7.83 18.78 19.50
N ILE B 69 -7.24 17.58 19.37
CA ILE B 69 -5.74 17.51 19.22
C ILE B 69 -5.23 18.06 17.93
N SER B 70 -5.89 17.81 16.83
CA SER B 70 -5.40 18.37 15.53
C SER B 70 -5.33 19.88 15.66
N GLU B 71 -6.39 20.48 16.24
CA GLU B 71 -6.44 21.93 16.29
C GLU B 71 -5.27 22.36 17.17
N TRP B 72 -5.10 21.68 18.31
CA TRP B 72 -4.04 22.08 19.25
C TRP B 72 -2.70 21.99 18.57
N LEU B 73 -2.48 20.96 17.78
CA LEU B 73 -1.18 20.78 17.13
C LEU B 73 -0.91 21.88 16.08
N GLN B 74 -1.87 22.68 15.72
CA GLN B 74 -1.62 23.80 14.77
C GLN B 74 -1.35 25.10 15.48
N THR B 75 -1.52 25.16 16.79
CA THR B 75 -1.21 26.33 17.49
C THR B 75 0.28 26.36 17.70
N GLU B 76 0.74 27.54 17.99
CA GLU B 76 2.00 27.85 18.57
C GLU B 76 2.49 26.87 19.70
N SER B 77 1.65 26.65 20.70
CA SER B 77 2.06 25.82 21.83
C SER B 77 2.21 24.31 21.36
N GLY B 78 1.11 23.82 20.79
CA GLY B 78 0.94 22.47 20.27
C GLY B 78 1.88 22.00 19.18
N ALA B 79 2.39 22.94 18.35
CA ALA B 79 3.16 22.60 17.20
C ALA B 79 4.50 21.94 17.56
N ARG B 80 4.97 22.15 18.77
CA ARG B 80 6.17 21.53 19.20
C ARG B 80 6.01 19.96 19.25
N PHE B 81 4.78 19.50 19.34
CA PHE B 81 4.49 18.06 19.41
C PHE B 81 4.02 17.46 18.13
N ARG B 82 4.01 18.27 17.08
CA ARG B 82 3.67 17.77 15.79
C ARG B 82 4.94 17.23 15.11
N SER B 83 4.88 16.01 14.64
CA SER B 83 6.04 15.40 14.05
C SER B 83 5.98 15.63 12.51
N THR B 84 7.12 15.40 11.92
CA THR B 84 7.24 15.30 10.47
C THR B 84 6.46 14.12 10.00
N ARG B 85 5.63 14.37 9.01
CA ARG B 85 4.90 13.27 8.44
C ARG B 85 5.84 12.12 7.86
N PRO B 86 5.50 10.86 8.05
CA PRO B 86 4.20 10.37 8.49
C PRO B 86 4.21 9.94 9.99
N LEU B 87 5.09 10.49 10.78
CA LEU B 87 5.17 10.04 12.19
C LEU B 87 4.01 10.56 13.10
N PRO B 88 3.56 9.74 14.03
CA PRO B 88 2.45 10.18 14.90
C PRO B 88 2.90 11.24 15.86
N PRO B 89 1.95 11.92 16.48
CA PRO B 89 2.33 12.99 17.33
C PRO B 89 3.27 12.64 18.51
N ALA B 90 4.07 13.61 18.89
CA ALA B 90 5.04 13.58 19.98
C ALA B 90 6.20 12.68 19.92
N VAL B 91 6.32 11.85 18.88
CA VAL B 91 7.42 10.94 18.87
C VAL B 91 8.73 11.60 18.46
N GLU B 92 8.69 12.84 17.99
CA GLU B 92 9.93 13.64 17.67
C GLU B 92 10.29 14.68 18.65
N PHE B 93 9.47 14.86 19.68
CA PHE B 93 9.69 15.89 20.65
C PHE B 93 10.93 15.55 21.53
N ILE B 94 11.83 16.53 21.67
CA ILE B 94 13.07 16.42 22.36
C ILE B 94 13.03 17.15 23.67
N THR B 95 13.07 16.46 24.78
CA THR B 95 13.18 17.10 26.09
C THR B 95 14.70 17.45 26.29
N PRO B 96 15.02 18.55 27.02
CA PRO B 96 16.44 18.89 27.20
C PRO B 96 17.14 17.89 28.13
N VAL B 97 18.43 17.69 27.90
CA VAL B 97 19.21 16.98 28.84
C VAL B 97 19.06 17.54 30.28
N VAL B 98 18.73 16.73 31.25
CA VAL B 98 18.69 17.08 32.63
C VAL B 98 19.48 16.19 33.56
N LEU B 99 20.06 15.14 33.09
CA LEU B 99 20.84 14.25 34.01
C LEU B 99 22.28 14.25 33.55
N SER B 100 23.16 13.72 34.40
CA SER B 100 24.50 13.69 33.97
C SER B 100 24.74 12.27 33.43
N ARG B 101 25.76 12.13 32.65
CA ARG B 101 26.18 10.85 32.12
C ARG B 101 26.26 9.65 33.00
N ASP B 102 26.77 9.86 34.21
CA ASP B 102 26.91 8.79 35.19
C ASP B 102 25.74 8.71 36.18
N THR B 103 24.62 9.38 35.93
CA THR B 103 23.46 9.25 36.81
C THR B 103 23.05 7.74 36.98
N VAL B 104 22.90 7.30 38.23
CA VAL B 104 22.43 5.98 38.56
C VAL B 104 20.89 6.05 38.36
N LEU B 105 20.39 5.08 37.58
CA LEU B 105 19.03 5.16 37.07
C LEU B 105 18.08 4.40 37.87
N ASP B 106 18.43 3.21 38.34
CA ASP B 106 17.43 2.26 38.90
C ASP B 106 17.78 1.72 40.33
N LYS B 107 18.59 2.48 41.08
CA LYS B 107 19.07 2.05 42.39
C LYS B 107 19.02 3.26 43.35
N PRO B 108 18.75 2.99 44.63
CA PRO B 108 18.74 4.10 45.62
C PRO B 108 20.14 4.75 45.69
N VAL B 109 20.18 6.06 45.63
CA VAL B 109 21.41 6.82 45.84
C VAL B 109 21.22 7.79 47.03
N VAL B 110 22.18 7.78 47.98
CA VAL B 110 22.06 8.56 49.20
C VAL B 110 21.87 10.06 48.88
N GLY B 111 20.84 10.64 49.51
CA GLY B 111 20.52 12.06 49.29
C GLY B 111 19.74 12.36 48.01
N LYS B 112 19.48 11.34 47.17
CA LYS B 112 18.98 11.60 45.81
C LYS B 112 17.70 10.86 45.44
N GLY B 113 17.29 9.86 46.20
CA GLY B 113 16.13 9.08 45.89
C GLY B 113 16.51 8.02 44.83
N ILE B 114 15.51 7.75 44.00
CA ILE B 114 15.58 6.69 43.00
C ILE B 114 14.76 7.04 41.75
N PHE B 115 15.10 6.43 40.65
CA PHE B 115 14.44 6.64 39.36
C PHE B 115 14.37 8.13 38.94
N PRO B 116 15.50 8.81 38.84
CA PRO B 116 15.43 10.13 38.31
C PRO B 116 15.00 10.11 36.85
N ILE B 117 14.25 11.10 36.50
CA ILE B 117 13.53 11.23 35.20
C ILE B 117 14.31 11.98 34.20
N GLY B 118 14.07 11.76 32.89
CA GLY B 118 14.61 12.57 31.85
C GLY B 118 15.92 12.02 31.17
N ARG B 119 16.46 12.82 30.27
CA ARG B 119 17.51 12.45 29.41
C ARG B 119 18.96 12.80 29.98
N ARG B 120 19.87 11.85 29.81
CA ARG B 120 21.30 12.05 29.94
C ARG B 120 21.85 12.42 28.56
N PRO B 121 23.11 12.91 28.49
CA PRO B 121 23.56 13.39 27.22
C PRO B 121 23.68 12.24 26.19
N GLN B 122 23.87 11.01 26.63
CA GLN B 122 23.93 9.94 25.70
C GLN B 122 22.54 9.31 25.23
N ASP B 123 21.45 9.75 25.81
CA ASP B 123 20.15 9.18 25.47
C ASP B 123 19.77 9.74 24.13
N PRO B 124 19.31 8.86 23.28
CA PRO B 124 18.80 9.41 22.03
C PRO B 124 17.79 10.61 22.22
N THR B 125 17.62 11.43 21.17
CA THR B 125 16.99 12.70 21.37
C THR B 125 15.47 12.59 21.69
N ASN B 126 14.82 11.64 21.01
CA ASN B 126 13.36 11.56 21.02
C ASN B 126 12.91 10.08 20.93
N MET B 127 11.59 9.86 20.97
CA MET B 127 11.12 8.46 20.96
C MET B 127 11.38 7.74 19.65
N ASP B 128 11.27 8.42 18.59
CA ASP B 128 11.53 7.85 17.27
C ASP B 128 13.01 7.33 17.17
N GLU B 129 13.97 8.14 17.62
CA GLU B 129 15.35 7.74 17.58
C GLU B 129 15.64 6.70 18.59
N PHE B 130 14.91 6.75 19.73
CA PHE B 130 15.13 5.78 20.75
C PHE B 130 14.76 4.37 20.25
N LEU B 131 13.56 4.26 19.69
CA LEU B 131 13.02 3.03 19.13
C LEU B 131 13.83 2.56 17.95
N ASP B 132 14.27 3.46 17.14
CA ASP B 132 15.15 3.09 16.03
C ASP B 132 16.58 2.51 16.49
N THR B 133 17.11 3.11 17.51
CA THR B 133 18.35 2.68 18.12
C THR B 133 18.18 1.30 18.66
N SER B 134 17.05 1.02 19.33
CA SER B 134 16.78 -0.35 19.82
C SER B 134 16.70 -1.36 18.72
N LEU B 135 16.00 -1.06 17.61
CA LEU B 135 16.02 -1.92 16.47
C LEU B 135 17.41 -2.09 15.87
N LEU B 136 18.19 -1.00 15.76
CA LEU B 136 19.52 -1.14 15.20
C LEU B 136 20.45 -1.91 16.06
N SER B 137 20.15 -2.11 17.33
N SER B 137 20.11 -2.12 17.33
CA SER B 137 21.08 -2.87 18.15
CA SER B 137 20.98 -2.90 18.24
C SER B 137 20.92 -4.36 17.93
C SER B 137 20.91 -4.36 17.93
N LEU B 138 19.86 -4.81 17.24
CA LEU B 138 19.72 -6.19 16.89
C LEU B 138 20.58 -6.61 15.72
N ASN B 139 20.96 -7.90 15.65
CA ASN B 139 21.62 -8.53 14.44
C ASN B 139 20.66 -8.42 13.29
N GLN B 140 21.18 -8.21 12.07
CA GLN B 140 20.40 -8.29 10.85
C GLN B 140 20.01 -9.70 10.62
N SER B 141 18.79 -9.90 10.24
CA SER B 141 18.25 -11.21 10.00
C SER B 141 17.63 -11.28 8.59
N SER B 142 17.94 -12.38 7.90
CA SER B 142 17.25 -12.68 6.60
C SER B 142 16.03 -13.59 6.80
N THR B 143 15.77 -14.07 8.03
CA THR B 143 14.66 -14.99 8.23
C THR B 143 13.41 -14.32 8.97
N VAL B 144 13.56 -13.13 9.57
CA VAL B 144 12.44 -12.47 10.21
C VAL B 144 11.41 -12.07 9.18
N ASP B 145 10.12 -12.24 9.46
CA ASP B 145 9.10 -11.93 8.53
C ASP B 145 8.88 -10.39 8.56
N LEU B 146 8.95 -9.78 7.38
CA LEU B 146 8.91 -8.28 7.26
C LEU B 146 7.61 -7.74 7.69
N ALA B 147 6.54 -8.31 7.23
CA ALA B 147 5.16 -7.82 7.56
C ALA B 147 4.90 -7.85 9.09
N SER B 148 5.31 -8.89 9.77
CA SER B 148 5.09 -9.01 11.20
C SER B 148 5.92 -8.04 11.97
N ALA B 149 7.15 -7.89 11.60
CA ALA B 149 8.07 -7.00 12.23
C ALA B 149 7.67 -5.52 12.07
N VAL B 150 7.36 -5.16 10.87
CA VAL B 150 6.93 -3.81 10.59
C VAL B 150 5.69 -3.51 11.36
N SER B 151 4.69 -4.43 11.30
CA SER B 151 3.39 -4.12 11.94
C SER B 151 3.56 -3.96 13.50
N LEU B 152 4.45 -4.76 14.14
CA LEU B 152 4.65 -4.58 15.54
C LEU B 152 5.33 -3.22 15.78
N ASP B 153 6.31 -2.86 14.95
CA ASP B 153 7.04 -1.56 15.12
C ASP B 153 5.97 -0.41 15.02
N VAL B 154 5.08 -0.49 14.04
CA VAL B 154 4.10 0.52 13.85
C VAL B 154 3.18 0.58 15.08
N SER B 155 2.76 -0.58 15.55
CA SER B 155 1.90 -0.62 16.74
C SER B 155 2.52 0.08 17.91
N LEU B 156 3.79 -0.14 18.14
CA LEU B 156 4.46 0.51 19.20
C LEU B 156 4.50 2.04 19.03
N LEU B 157 4.72 2.55 17.82
CA LEU B 157 4.79 3.97 17.64
C LEU B 157 3.46 4.60 18.00
N HIS B 158 2.36 3.96 17.59
CA HIS B 158 0.98 4.42 17.97
C HIS B 158 0.73 4.37 19.42
N LEU B 159 1.21 3.30 20.08
CA LEU B 159 0.96 3.17 21.47
C LEU B 159 1.69 4.28 22.30
N VAL B 160 2.98 4.59 21.98
CA VAL B 160 3.67 5.63 22.71
C VAL B 160 3.09 6.97 22.50
N SER B 161 2.67 7.25 21.28
CA SER B 161 2.06 8.53 20.96
C SER B 161 0.69 8.72 21.77
N ALA B 162 -0.20 7.72 21.75
CA ALA B 162 -1.46 7.80 22.43
C ALA B 162 -1.21 7.93 23.96
N ARG B 163 -0.19 7.25 24.48
CA ARG B 163 0.06 7.34 25.92
C ARG B 163 0.37 8.79 26.31
N VAL B 164 1.32 9.42 25.61
CA VAL B 164 1.69 10.78 26.03
C VAL B 164 0.58 11.77 25.74
N LEU B 165 -0.23 11.52 24.73
CA LEU B 165 -1.33 12.39 24.38
C LEU B 165 -2.43 12.42 25.38
N LEU B 166 -2.45 11.44 26.27
CA LEU B 166 -3.34 11.55 27.39
C LEU B 166 -3.03 12.71 28.33
N GLY B 167 -1.80 13.18 28.27
CA GLY B 167 -1.44 14.37 28.98
C GLY B 167 -2.37 15.53 28.78
N TYR B 168 -2.97 15.63 27.64
CA TYR B 168 -3.83 16.76 27.36
C TYR B 168 -5.17 16.77 28.20
N PRO B 169 -5.99 15.74 28.14
CA PRO B 169 -7.21 15.76 28.96
C PRO B 169 -6.86 15.62 30.45
N ILE B 170 -5.76 14.94 30.77
CA ILE B 170 -5.30 14.92 32.14
C ILE B 170 -5.04 16.33 32.69
N ALA B 171 -4.39 17.16 31.88
CA ALA B 171 -4.08 18.51 32.30
C ALA B 171 -5.36 19.30 32.56
N LEU B 172 -6.32 19.17 31.67
CA LEU B 172 -7.60 19.87 31.82
C LEU B 172 -8.28 19.48 33.13
N ALA B 173 -8.28 18.20 33.46
CA ALA B 173 -8.86 17.79 34.67
C ALA B 173 -8.05 18.23 35.89
N LYS B 174 -6.74 18.27 35.78
CA LYS B 174 -5.94 18.77 36.89
C LYS B 174 -6.20 20.31 37.11
N PHE B 175 -6.40 21.05 36.03
CA PHE B 175 -6.73 22.42 36.01
C PHE B 175 -8.03 22.71 36.74
N ASP B 176 -9.10 22.04 36.38
CA ASP B 176 -10.39 22.18 37.02
C ASP B 176 -10.38 21.86 38.45
N TRP B 177 -9.42 21.05 38.87
CA TRP B 177 -9.27 20.63 40.24
C TRP B 177 -8.45 21.55 41.15
N LEU B 178 -7.39 22.18 40.65
CA LEU B 178 -6.43 23.00 41.43
C LEU B 178 -6.36 24.37 40.77
N HIS B 179 -7.53 24.82 40.39
CA HIS B 179 -7.68 26.02 39.58
C HIS B 179 -6.86 27.20 40.10
N ASP B 180 -6.86 27.42 41.39
CA ASP B 180 -6.16 28.60 41.92
C ASP B 180 -4.64 28.47 41.85
N ASN B 181 -4.10 27.32 42.29
CA ASN B 181 -2.65 27.09 42.17
C ASN B 181 -2.12 27.41 40.77
N PHE B 182 -2.87 27.04 39.70
CA PHE B 182 -2.41 27.25 38.32
C PHE B 182 -2.67 28.70 37.91
N CYS B 183 -3.87 29.20 38.15
CA CYS B 183 -4.20 30.61 37.82
C CYS B 183 -3.28 31.65 38.41
N HIS B 184 -2.89 31.49 39.69
CA HIS B 184 -1.90 32.32 40.30
C HIS B 184 -0.71 32.38 39.52
N ILE B 185 -0.33 31.27 38.89
CA ILE B 185 0.88 31.28 38.07
C ILE B 185 0.56 31.90 36.74
N LEU B 186 -0.55 31.53 36.14
CA LEU B 186 -0.81 31.99 34.77
C LEU B 186 -1.09 33.50 34.67
N THR B 187 -1.64 34.10 35.74
CA THR B 187 -1.86 35.59 35.82
C THR B 187 -0.73 36.37 36.47
N ASN B 188 0.39 35.72 36.80
CA ASN B 188 1.58 36.45 37.32
C ASN B 188 2.35 37.13 36.14
N THR B 189 2.21 38.45 36.08
CA THR B 189 2.76 39.30 35.00
C THR B 189 4.30 39.48 35.12
N THR B 190 4.84 39.34 36.35
CA THR B 190 6.30 39.37 36.62
C THR B 190 7.12 38.20 35.94
N LEU B 191 6.47 37.07 35.64
CA LEU B 191 7.13 35.85 35.12
C LEU B 191 7.12 35.84 33.58
N SER B 192 8.27 35.46 33.02
CA SER B 192 8.41 35.23 31.59
C SER B 192 7.69 33.98 31.19
N LYS B 193 7.63 33.72 29.89
CA LYS B 193 6.95 32.50 29.42
C LYS B 193 7.73 31.22 29.89
N SER B 194 9.04 31.33 29.77
CA SER B 194 9.99 30.33 30.22
C SER B 194 9.78 29.98 31.72
N GLN B 195 9.76 30.98 32.59
CA GLN B 195 9.51 30.72 34.03
C GLN B 195 8.06 30.25 34.39
N LYS B 196 7.08 30.55 33.54
CA LYS B 196 5.71 30.11 33.80
C LYS B 196 5.63 28.58 33.58
N LEU B 197 6.00 28.20 32.37
CA LEU B 197 6.13 26.85 31.97
C LEU B 197 6.78 26.01 33.09
N ALA B 198 7.94 26.43 33.55
CA ALA B 198 8.69 25.71 34.53
C ALA B 198 7.96 25.57 35.83
N ASN B 199 7.27 26.64 36.23
CA ASN B 199 6.51 26.60 37.48
C ASN B 199 5.29 25.78 37.36
N ILE B 200 4.67 25.77 36.21
CA ILE B 200 3.62 24.80 35.92
C ILE B 200 4.13 23.36 35.92
N ILE B 201 5.27 23.10 35.31
CA ILE B 201 5.86 21.78 35.35
C ILE B 201 6.12 21.33 36.79
N GLN B 202 6.66 22.20 37.64
CA GLN B 202 6.92 21.84 39.01
C GLN B 202 5.64 21.60 39.81
N GLN B 203 4.59 22.37 39.60
CA GLN B 203 3.29 21.97 40.14
C GLN B 203 2.76 20.61 39.70
N LEU B 204 2.90 20.29 38.41
CA LEU B 204 2.51 19.06 37.89
C LEU B 204 3.44 17.87 38.37
N THR B 205 4.70 18.10 38.80
CA THR B 205 5.62 17.01 39.01
C THR B 205 5.33 16.35 40.40
N ASP B 206 5.08 15.04 40.37
CA ASP B 206 4.97 14.23 41.63
C ASP B 206 5.89 12.98 41.54
N HIS B 207 7.10 13.10 42.08
CA HIS B 207 8.09 12.09 41.99
C HIS B 207 7.65 10.79 42.70
N LYS B 208 6.79 10.83 43.70
CA LYS B 208 6.33 9.59 44.27
C LYS B 208 5.45 8.84 43.33
N GLN B 209 4.68 9.53 42.55
CA GLN B 209 3.84 8.86 41.58
C GLN B 209 4.77 8.32 40.39
N GLU B 210 5.82 9.03 40.05
CA GLU B 210 6.77 8.58 39.13
C GLU B 210 7.41 7.27 39.58
N VAL B 211 7.77 7.21 40.82
CA VAL B 211 8.41 6.04 41.38
C VAL B 211 7.39 4.88 41.37
N ASN B 212 6.14 5.19 41.71
CA ASN B 212 5.06 4.17 41.67
C ASN B 212 4.95 3.56 40.22
N VAL B 213 4.88 4.38 39.19
CA VAL B 213 4.89 3.94 37.76
C VAL B 213 6.11 3.19 37.41
N LEU B 214 7.30 3.74 37.72
CA LEU B 214 8.50 3.08 37.27
C LEU B 214 8.79 1.75 37.94
N SER B 215 8.55 1.69 39.23
CA SER B 215 8.77 0.39 39.94
C SER B 215 7.80 -0.68 39.31
N ARG B 216 6.59 -0.29 39.02
CA ARG B 216 5.59 -1.23 38.43
C ARG B 216 6.04 -1.59 36.98
N VAL B 217 6.58 -0.60 36.23
CA VAL B 217 7.12 -0.94 34.93
C VAL B 217 8.28 -1.89 34.99
N GLU B 218 9.20 -1.64 35.94
CA GLU B 218 10.31 -2.55 36.11
C GLU B 218 9.79 -3.99 36.46
N GLN B 219 8.78 -4.04 37.31
CA GLN B 219 8.30 -5.37 37.74
C GLN B 219 7.48 -6.12 36.63
N LYS B 220 6.71 -5.32 35.82
CA LYS B 220 6.10 -5.88 34.63
C LYS B 220 7.13 -6.41 33.63
N SER B 221 8.17 -5.63 33.37
CA SER B 221 9.22 -6.02 32.42
C SER B 221 9.84 -7.30 32.85
N LYS B 222 10.04 -7.44 34.12
CA LYS B 222 10.68 -8.67 34.61
C LYS B 222 9.73 -9.85 34.46
N SER B 223 8.51 -9.71 34.95
CA SER B 223 7.69 -10.92 34.97
C SER B 223 7.22 -11.21 33.47
N LEU B 224 7.07 -10.20 32.63
CA LEU B 224 6.67 -10.49 31.24
C LEU B 224 7.79 -11.03 30.33
N SER B 225 9.05 -10.79 30.73
CA SER B 225 10.20 -11.30 30.01
C SER B 225 10.75 -12.60 30.49
N HIS B 226 9.96 -13.28 31.32
CA HIS B 226 10.41 -14.52 31.79
C HIS B 226 10.63 -15.56 30.76
N LEU B 227 11.57 -16.44 30.97
CA LEU B 227 11.83 -17.43 30.07
C LEU B 227 11.36 -18.80 30.58
N PHE B 228 10.65 -19.43 29.71
CA PHE B 228 10.09 -20.69 29.99
C PHE B 228 11.05 -21.66 29.43
N ARG B 229 10.81 -22.87 29.76
CA ARG B 229 11.84 -23.87 29.45
C ARG B 229 12.05 -23.97 27.96
N ASN B 230 13.33 -24.05 27.60
CA ASN B 230 13.88 -23.88 26.27
C ASN B 230 13.45 -22.69 25.37
N ASP B 231 12.95 -21.62 26.01
CA ASP B 231 12.83 -20.37 25.28
C ASP B 231 14.21 -19.81 24.80
N ILE B 232 14.21 -19.18 23.64
CA ILE B 232 15.36 -18.29 23.22
C ILE B 232 15.40 -17.01 24.11
N PRO B 233 16.52 -16.73 24.71
CA PRO B 233 16.64 -15.50 25.54
C PRO B 233 16.31 -14.21 24.74
N TYR B 234 15.93 -13.15 25.43
CA TYR B 234 15.75 -11.88 24.77
C TYR B 234 17.14 -11.25 24.49
N PRO B 235 17.19 -10.29 23.54
CA PRO B 235 18.41 -9.66 23.35
C PRO B 235 18.93 -8.99 24.64
N PRO B 236 20.25 -8.83 24.76
CA PRO B 236 20.79 -8.08 25.93
C PRO B 236 20.20 -6.66 26.11
N HIS B 237 20.03 -6.28 27.37
CA HIS B 237 19.51 -5.01 27.77
C HIS B 237 17.99 -4.77 27.48
N THR B 238 17.25 -5.75 27.06
CA THR B 238 15.86 -5.50 26.67
C THR B 238 15.06 -4.89 27.86
N GLN B 239 15.21 -5.42 29.07
CA GLN B 239 14.43 -4.84 30.21
C GLN B 239 14.89 -3.49 30.54
N ASP B 240 16.20 -3.20 30.47
CA ASP B 240 16.70 -1.87 30.72
C ASP B 240 16.08 -0.89 29.70
N ARG B 241 15.99 -1.25 28.43
CA ARG B 241 15.50 -0.35 27.45
C ARG B 241 14.00 -0.08 27.65
N ILE B 242 13.25 -1.09 28.07
CA ILE B 242 11.88 -0.80 28.37
C ILE B 242 11.71 0.21 29.51
N LEU B 243 12.43 0.03 30.62
CA LEU B 243 12.42 0.98 31.70
C LEU B 243 12.80 2.38 31.18
N ARG B 244 13.88 2.45 30.36
CA ARG B 244 14.34 3.70 29.83
C ARG B 244 13.29 4.49 29.01
N LEU B 245 12.50 3.73 28.25
CA LEU B 245 11.41 4.34 27.44
C LEU B 245 10.48 5.12 28.36
N PHE B 246 10.07 4.54 29.47
CA PHE B 246 9.20 5.22 30.42
C PHE B 246 9.87 6.33 31.20
N GLN B 247 11.09 6.10 31.65
CA GLN B 247 11.72 6.98 32.58
C GLN B 247 12.34 8.21 31.89
N ALA B 248 12.92 7.98 30.72
CA ALA B 248 13.54 9.09 29.99
C ALA B 248 12.67 9.83 28.98
N TYR B 249 11.61 9.15 28.54
CA TYR B 249 10.69 9.69 27.48
C TYR B 249 9.22 9.74 27.92
N LEU B 250 8.58 8.60 28.19
CA LEU B 250 7.11 8.69 28.31
C LEU B 250 6.69 9.69 29.43
N ILE B 251 7.34 9.57 30.60
CA ILE B 251 6.93 10.37 31.72
C ILE B 251 7.22 11.87 31.53
N PRO B 252 8.43 12.25 31.18
CA PRO B 252 8.69 13.62 31.05
C PRO B 252 7.94 14.24 29.84
N ILE B 253 7.76 13.47 28.74
CA ILE B 253 7.02 14.08 27.58
C ILE B 253 5.56 14.33 27.97
N THR B 254 5.02 13.36 28.69
CA THR B 254 3.65 13.49 29.07
C THR B 254 3.47 14.79 29.98
N THR B 255 4.41 14.99 30.91
CA THR B 255 4.43 16.21 31.76
C THR B 255 4.52 17.51 30.93
N GLN B 256 5.37 17.53 29.93
CA GLN B 256 5.47 18.71 29.04
C GLN B 256 4.19 18.94 28.27
N ILE B 257 3.54 17.88 27.86
CA ILE B 257 2.24 18.01 27.18
C ILE B 257 1.20 18.59 28.12
N GLU B 258 1.18 18.10 29.34
CA GLU B 258 0.24 18.60 30.31
C GLU B 258 0.43 20.09 30.54
N ALA B 259 1.67 20.51 30.71
CA ALA B 259 1.95 21.90 30.99
C ALA B 259 1.55 22.74 29.79
N ALA B 260 1.84 22.26 28.57
CA ALA B 260 1.46 23.02 27.40
C ALA B 260 -0.05 23.13 27.36
N ALA B 261 -0.78 22.10 27.69
CA ALA B 261 -2.23 22.18 27.69
C ALA B 261 -2.73 23.26 28.72
N ILE B 262 -2.08 23.32 29.90
CA ILE B 262 -2.44 24.29 30.89
C ILE B 262 -2.25 25.73 30.39
N LEU B 263 -1.09 26.03 29.84
CA LEU B 263 -0.84 27.29 29.18
C LEU B 263 -1.83 27.58 28.08
N ASP B 264 -2.18 26.60 27.31
CA ASP B 264 -3.10 26.76 26.21
C ASP B 264 -4.49 27.18 26.72
N HIS B 265 -4.81 26.93 27.99
CA HIS B 265 -6.11 27.25 28.52
C HIS B 265 -6.01 28.32 29.58
N ALA B 266 -5.17 29.33 29.39
CA ALA B 266 -5.03 30.43 30.45
C ALA B 266 -6.27 31.35 30.57
N ASN B 267 -7.05 31.37 29.48
CA ASN B 267 -8.28 32.19 29.40
C ASN B 267 -9.28 31.78 30.50
N LYS B 268 -9.30 30.51 30.91
CA LYS B 268 -10.07 30.04 32.10
C LYS B 268 -9.81 30.76 33.45
N CYS B 269 -8.68 31.46 33.58
CA CYS B 269 -8.32 32.14 34.82
C CYS B 269 -9.06 33.50 34.95
N THR B 270 -9.59 33.98 33.83
CA THR B 270 -10.35 35.23 33.76
C THR B 270 -11.89 34.96 33.75
N GLU C 14 18.44 -19.06 -32.38
CA GLU C 14 18.15 -17.64 -32.37
C GLU C 14 16.66 -17.49 -32.20
N ALA C 15 15.91 -18.48 -32.56
CA ALA C 15 14.49 -18.58 -32.28
C ALA C 15 14.09 -18.47 -30.82
N GLY C 16 14.75 -19.23 -29.98
CA GLY C 16 14.62 -19.24 -28.53
C GLY C 16 14.92 -17.80 -28.00
N ASP C 17 15.91 -17.12 -28.54
CA ASP C 17 16.13 -15.75 -28.04
C ASP C 17 15.12 -14.74 -28.67
N ARG C 18 14.73 -14.96 -29.89
CA ARG C 18 13.67 -14.12 -30.41
C ARG C 18 12.36 -14.22 -29.59
N LEU C 19 12.08 -15.42 -29.17
CA LEU C 19 10.88 -15.68 -28.37
C LEU C 19 11.03 -14.96 -27.03
N ASP C 20 12.22 -15.04 -26.42
CA ASP C 20 12.44 -14.37 -25.14
C ASP C 20 12.21 -12.85 -25.28
N ALA C 21 12.69 -12.28 -26.39
CA ALA C 21 12.44 -10.89 -26.52
C ALA C 21 10.97 -10.57 -26.69
N LEU C 22 10.27 -11.39 -27.43
CA LEU C 22 8.80 -11.24 -27.57
C LEU C 22 8.03 -11.42 -26.33
N ARG C 23 8.50 -12.27 -25.47
CA ARG C 23 7.91 -12.42 -24.16
C ARG C 23 8.09 -11.21 -23.30
N ASP C 24 9.25 -10.60 -23.32
CA ASP C 24 9.42 -9.34 -22.58
C ASP C 24 8.50 -8.24 -23.13
N GLN C 25 8.43 -8.16 -24.49
CA GLN C 25 7.54 -7.15 -25.06
C GLN C 25 6.04 -7.35 -24.66
N LEU C 26 5.60 -8.61 -24.54
CA LEU C 26 4.28 -8.93 -24.18
C LEU C 26 4.03 -8.51 -22.78
N GLN C 27 4.95 -8.82 -21.85
CA GLN C 27 4.75 -8.36 -20.48
C GLN C 27 4.80 -6.84 -20.29
N ARG C 28 5.57 -6.15 -21.12
CA ARG C 28 5.61 -4.71 -21.04
C ARG C 28 4.25 -4.02 -21.25
N TYR C 29 3.24 -4.69 -21.82
CA TYR C 29 1.89 -4.14 -21.85
C TYR C 29 1.17 -4.21 -20.55
N GLU C 30 1.62 -5.07 -19.63
CA GLU C 30 0.78 -5.35 -18.47
C GLU C 30 0.54 -4.14 -17.56
N THR C 31 1.61 -3.51 -17.08
CA THR C 31 1.55 -2.36 -16.23
C THR C 31 0.92 -1.15 -16.93
N PRO C 32 1.28 -0.85 -18.18
CA PRO C 32 0.64 0.26 -18.89
C PRO C 32 -0.87 0.05 -19.00
N ILE C 33 -1.34 -1.18 -19.32
CA ILE C 33 -2.83 -1.39 -19.35
C ILE C 33 -3.47 -1.12 -17.98
N ILE C 34 -2.92 -1.68 -16.91
CA ILE C 34 -3.43 -1.48 -15.58
C ILE C 34 -3.44 0.00 -15.15
N GLN C 35 -2.32 0.66 -15.36
CA GLN C 35 -2.18 2.11 -15.00
C GLN C 35 -3.09 2.98 -15.86
N THR C 36 -3.36 2.61 -17.11
CA THR C 36 -4.21 3.43 -17.92
C THR C 36 -5.65 3.26 -17.57
N ILE C 37 -6.06 2.05 -17.29
CA ILE C 37 -7.44 1.81 -16.74
C ILE C 37 -7.67 2.55 -15.40
N LEU C 38 -6.69 2.50 -14.50
CA LEU C 38 -6.86 3.23 -13.22
C LEU C 38 -6.85 4.76 -13.46
N ALA C 39 -6.05 5.23 -14.44
CA ALA C 39 -6.05 6.70 -14.62
C ALA C 39 -7.36 7.23 -15.10
N ARG C 40 -7.92 6.55 -16.09
CA ARG C 40 -9.23 6.91 -16.59
C ARG C 40 -10.26 6.83 -15.48
N SER C 41 -10.20 5.77 -14.68
N SER C 41 -10.16 5.78 -14.69
CA SER C 41 -11.24 5.53 -13.59
CA SER C 41 -11.19 5.52 -13.65
C SER C 41 -11.09 6.57 -12.47
C SER C 41 -11.08 6.55 -12.50
N ALA C 42 -9.85 7.00 -12.23
CA ALA C 42 -9.61 8.05 -11.17
C ALA C 42 -10.00 9.44 -11.65
N LEU C 43 -9.89 9.68 -12.95
CA LEU C 43 -10.06 11.05 -13.45
C LEU C 43 -11.49 11.64 -13.26
N GLY C 44 -12.49 10.82 -13.42
CA GLY C 44 -13.86 11.32 -13.24
C GLY C 44 -14.87 10.44 -13.96
N GLY C 45 -16.07 10.94 -14.05
CA GLY C 45 -17.14 10.22 -14.72
C GLY C 45 -17.02 10.39 -16.25
N ARG C 46 -18.15 10.16 -16.91
CA ARG C 46 -18.22 10.04 -18.35
C ARG C 46 -18.59 11.40 -18.88
N ALA C 47 -17.87 11.89 -19.90
CA ALA C 47 -18.24 13.12 -20.51
C ALA C 47 -19.36 13.00 -21.50
N PRO C 48 -20.12 14.07 -21.69
CA PRO C 48 -21.22 14.01 -22.74
C PRO C 48 -20.61 13.68 -24.08
N SER C 49 -21.18 12.75 -24.74
CA SER C 49 -20.69 12.37 -26.00
C SER C 49 -19.29 11.70 -26.01
N GLU C 50 -18.89 11.06 -24.87
CA GLU C 50 -17.57 10.49 -24.83
C GLU C 50 -17.42 9.43 -25.89
N GLN C 51 -18.35 8.50 -25.99
CA GLN C 51 -18.24 7.38 -26.93
C GLN C 51 -18.19 7.86 -28.43
N ASP C 52 -18.98 8.84 -28.80
CA ASP C 52 -18.92 9.36 -30.11
C ASP C 52 -17.57 10.05 -30.36
N GLU C 53 -17.08 10.78 -29.37
CA GLU C 53 -15.79 11.42 -29.50
C GLU C 53 -14.58 10.41 -29.64
N VAL C 54 -14.68 9.29 -28.98
CA VAL C 54 -13.72 8.22 -29.11
C VAL C 54 -13.65 7.73 -30.54
N ARG C 55 -14.80 7.48 -31.13
CA ARG C 55 -14.82 6.95 -32.46
C ARG C 55 -14.34 8.00 -33.40
N ALA C 56 -14.80 9.24 -33.23
CA ALA C 56 -14.28 10.32 -34.05
C ALA C 56 -12.74 10.50 -33.96
N ALA C 57 -12.20 10.40 -32.76
CA ALA C 57 -10.73 10.51 -32.61
C ALA C 57 -10.02 9.38 -33.31
N LEU C 58 -10.52 8.11 -33.19
CA LEU C 58 -9.93 7.03 -33.87
C LEU C 58 -10.04 7.30 -35.46
N SER C 59 -11.15 7.83 -35.97
CA SER C 59 -11.27 8.07 -37.41
C SER C 59 -10.31 9.09 -37.87
N ARG C 60 -10.06 10.11 -37.11
CA ARG C 60 -9.18 11.20 -37.52
C ARG C 60 -7.74 10.86 -37.49
N ASN C 61 -7.39 9.85 -36.71
CA ASN C 61 -6.05 9.69 -36.41
C ASN C 61 -5.73 8.29 -36.39
N ALA C 62 -5.87 7.72 -37.59
CA ALA C 62 -5.75 6.33 -37.77
C ALA C 62 -4.31 5.99 -37.94
N PHE C 63 -3.80 5.24 -36.95
CA PHE C 63 -2.54 4.63 -37.12
C PHE C 63 -2.75 3.33 -37.98
N GLU C 64 -1.79 3.02 -38.79
CA GLU C 64 -1.85 1.81 -39.60
C GLU C 64 -1.01 0.84 -38.81
N PRO C 65 -1.41 -0.42 -38.81
CA PRO C 65 -0.55 -1.45 -38.24
C PRO C 65 0.74 -1.51 -39.00
N SER C 66 1.77 -2.19 -38.45
CA SER C 66 3.02 -2.54 -39.19
C SER C 66 2.75 -3.26 -40.51
N GLU C 67 3.73 -3.31 -41.40
CA GLU C 67 3.54 -3.93 -42.69
C GLU C 67 3.20 -5.43 -42.50
N VAL C 68 3.87 -6.15 -41.64
CA VAL C 68 3.61 -7.60 -41.41
C VAL C 68 2.14 -7.86 -40.97
N ILE C 69 1.63 -7.04 -40.06
CA ILE C 69 0.25 -7.19 -39.50
C ILE C 69 -0.71 -6.75 -40.52
N SER C 70 -0.42 -5.67 -41.22
CA SER C 70 -1.27 -5.19 -42.32
C SER C 70 -1.39 -6.19 -43.40
N GLU C 71 -0.33 -6.84 -43.74
CA GLU C 71 -0.47 -7.91 -44.80
C GLU C 71 -1.19 -9.09 -44.26
N TRP C 72 -0.89 -9.50 -43.03
CA TRP C 72 -1.63 -10.65 -42.48
C TRP C 72 -3.13 -10.33 -42.38
N LEU C 73 -3.49 -9.12 -42.04
CA LEU C 73 -4.93 -8.73 -42.00
C LEU C 73 -5.63 -8.73 -43.38
N GLN C 74 -4.86 -8.81 -44.49
CA GLN C 74 -5.45 -8.96 -45.78
C GLN C 74 -5.59 -10.33 -46.26
N THR C 75 -5.19 -11.34 -45.50
CA THR C 75 -5.34 -12.67 -45.91
C THR C 75 -6.56 -13.22 -45.18
N GLU C 76 -7.01 -14.31 -45.70
CA GLU C 76 -8.16 -14.90 -45.19
C GLU C 76 -7.98 -15.31 -43.71
N SER C 77 -6.84 -15.85 -43.32
CA SER C 77 -6.58 -16.23 -41.88
C SER C 77 -6.67 -14.97 -40.93
N GLY C 78 -6.06 -13.88 -41.36
CA GLY C 78 -5.93 -12.73 -40.48
C GLY C 78 -7.19 -11.87 -40.53
N ALA C 79 -8.05 -12.14 -41.51
CA ALA C 79 -9.19 -11.30 -41.68
C ALA C 79 -10.16 -11.35 -40.49
N ARG C 80 -10.24 -12.47 -39.83
CA ARG C 80 -11.12 -12.61 -38.65
C ARG C 80 -10.77 -11.60 -37.55
N PHE C 81 -9.55 -11.08 -37.53
CA PHE C 81 -9.12 -10.11 -36.57
C PHE C 81 -9.22 -8.66 -37.00
N ARG C 82 -9.73 -8.42 -38.17
CA ARG C 82 -9.88 -7.05 -38.59
C ARG C 82 -11.16 -6.49 -37.90
N SER C 83 -11.21 -5.22 -37.59
CA SER C 83 -12.34 -4.66 -36.91
C SER C 83 -13.06 -3.71 -37.90
N THR C 84 -14.30 -3.40 -37.58
CA THR C 84 -15.05 -2.34 -38.25
C THR C 84 -14.31 -1.05 -38.03
N ARG C 85 -14.06 -0.32 -39.09
CA ARG C 85 -13.45 1.02 -38.98
C ARG C 85 -14.23 1.94 -38.10
N PRO C 86 -13.59 2.74 -37.28
CA PRO C 86 -12.16 3.01 -37.28
C PRO C 86 -11.40 2.26 -36.09
N LEU C 87 -11.97 1.20 -35.58
CA LEU C 87 -11.43 0.41 -34.51
C LEU C 87 -10.15 -0.28 -34.87
N PRO C 88 -9.20 -0.32 -33.94
CA PRO C 88 -7.95 -1.11 -34.19
C PRO C 88 -8.19 -2.61 -34.22
N PRO C 89 -7.21 -3.35 -34.71
CA PRO C 89 -7.36 -4.76 -34.79
C PRO C 89 -7.65 -5.52 -33.56
N ALA C 90 -8.50 -6.55 -33.75
CA ALA C 90 -8.80 -7.57 -32.76
C ALA C 90 -9.72 -7.13 -31.62
N VAL C 91 -10.10 -5.86 -31.55
CA VAL C 91 -10.99 -5.46 -30.49
C VAL C 91 -12.41 -5.92 -30.64
N GLU C 92 -12.77 -6.45 -31.83
CA GLU C 92 -14.11 -6.99 -32.01
C GLU C 92 -14.10 -8.50 -32.10
N PHE C 93 -12.96 -9.15 -31.91
CA PHE C 93 -12.88 -10.59 -32.02
C PHE C 93 -13.53 -11.31 -30.87
N ILE C 94 -14.37 -12.26 -31.22
CA ILE C 94 -15.19 -12.96 -30.26
C ILE C 94 -14.69 -14.35 -29.99
N THR C 95 -14.20 -14.65 -28.76
CA THR C 95 -13.82 -16.02 -28.43
C THR C 95 -15.01 -16.81 -28.00
N PRO C 96 -14.98 -18.14 -28.18
CA PRO C 96 -16.31 -18.87 -27.95
C PRO C 96 -16.52 -18.95 -26.45
N VAL C 97 -17.73 -19.00 -26.04
CA VAL C 97 -18.01 -19.26 -24.66
C VAL C 97 -17.45 -20.63 -24.25
N VAL C 98 -16.63 -20.69 -23.21
CA VAL C 98 -16.07 -21.90 -22.71
C VAL C 98 -16.34 -22.08 -21.21
N LEU C 99 -16.83 -21.11 -20.47
CA LEU C 99 -17.01 -21.33 -19.01
C LEU C 99 -18.54 -21.36 -18.77
N SER C 100 -18.95 -21.80 -17.63
CA SER C 100 -20.37 -21.76 -17.39
C SER C 100 -20.69 -20.56 -16.48
N ARG C 101 -21.96 -20.25 -16.45
CA ARG C 101 -22.48 -19.12 -15.81
C ARG C 101 -22.04 -18.99 -14.40
N ASP C 102 -21.91 -20.10 -13.72
CA ASP C 102 -21.47 -20.11 -12.27
C ASP C 102 -20.01 -20.37 -12.02
N THR C 103 -19.23 -20.52 -13.08
CA THR C 103 -17.74 -20.77 -12.88
C THR C 103 -17.17 -19.71 -11.90
N VAL C 104 -16.48 -20.20 -10.92
CA VAL C 104 -15.73 -19.46 -9.93
C VAL C 104 -14.44 -19.01 -10.62
N LEU C 105 -14.30 -17.72 -10.68
CA LEU C 105 -13.22 -17.03 -11.43
C LEU C 105 -11.87 -16.91 -10.73
N ASP C 106 -11.88 -16.68 -9.45
CA ASP C 106 -10.71 -16.16 -8.76
C ASP C 106 -10.35 -16.81 -7.47
N LYS C 107 -10.90 -18.01 -7.25
CA LYS C 107 -10.69 -18.82 -6.06
C LYS C 107 -10.50 -20.29 -6.47
N PRO C 108 -9.73 -21.03 -5.70
CA PRO C 108 -9.41 -22.42 -6.01
C PRO C 108 -10.70 -23.29 -5.88
N VAL C 109 -10.83 -24.25 -6.76
CA VAL C 109 -12.02 -25.08 -6.73
C VAL C 109 -11.52 -26.45 -6.85
N VAL C 110 -11.79 -27.27 -5.82
CA VAL C 110 -11.29 -28.65 -5.73
C VAL C 110 -11.45 -29.34 -7.04
N GLY C 111 -10.39 -29.91 -7.59
CA GLY C 111 -10.49 -30.61 -8.90
C GLY C 111 -10.49 -29.74 -10.15
N LYS C 112 -10.54 -28.39 -10.00
CA LYS C 112 -10.59 -27.52 -11.25
C LYS C 112 -9.51 -26.52 -11.48
N GLY C 113 -8.76 -26.23 -10.47
CA GLY C 113 -7.72 -25.29 -10.66
C GLY C 113 -8.23 -23.92 -10.29
N ILE C 114 -7.56 -22.95 -10.88
CA ILE C 114 -7.70 -21.63 -10.45
C ILE C 114 -7.56 -20.66 -11.69
N PHE C 115 -8.24 -19.54 -11.65
CA PHE C 115 -8.30 -18.54 -12.71
C PHE C 115 -8.56 -19.14 -14.10
N PRO C 116 -9.68 -19.88 -14.29
CA PRO C 116 -9.90 -20.42 -15.60
C PRO C 116 -10.10 -19.31 -16.58
N ILE C 117 -9.54 -19.45 -17.80
CA ILE C 117 -9.65 -18.37 -18.74
C ILE C 117 -10.90 -18.44 -19.67
N GLY C 118 -11.17 -17.34 -20.31
CA GLY C 118 -12.18 -17.28 -21.34
C GLY C 118 -13.52 -16.73 -20.80
N ARG C 119 -14.50 -16.71 -21.72
CA ARG C 119 -15.84 -16.11 -21.52
C ARG C 119 -16.87 -17.11 -20.93
N ARG C 120 -17.65 -16.56 -20.04
CA ARG C 120 -18.89 -17.13 -19.59
C ARG C 120 -19.97 -16.55 -20.46
N PRO C 121 -21.15 -17.22 -20.47
CA PRO C 121 -22.22 -16.72 -21.36
C PRO C 121 -22.62 -15.29 -21.10
N GLN C 122 -22.56 -14.81 -19.87
CA GLN C 122 -22.94 -13.45 -19.58
C GLN C 122 -21.83 -12.43 -19.85
N ASP C 123 -20.62 -12.86 -20.21
CA ASP C 123 -19.56 -11.85 -20.45
C ASP C 123 -19.77 -11.22 -21.84
N PRO C 124 -19.49 -9.95 -21.95
CA PRO C 124 -19.60 -9.33 -23.24
C PRO C 124 -18.77 -10.04 -24.31
N THR C 125 -19.15 -9.88 -25.55
CA THR C 125 -18.64 -10.66 -26.67
C THR C 125 -17.19 -10.39 -26.99
N ASN C 126 -16.74 -9.15 -26.79
CA ASN C 126 -15.43 -8.73 -27.32
C ASN C 126 -14.89 -7.54 -26.48
N MET C 127 -13.65 -7.13 -26.75
CA MET C 127 -13.05 -6.09 -25.87
C MET C 127 -13.78 -4.75 -26.07
N ASP C 128 -14.16 -4.48 -27.31
CA ASP C 128 -14.84 -3.24 -27.57
C ASP C 128 -16.12 -3.12 -26.73
N GLU C 129 -16.92 -4.12 -26.69
CA GLU C 129 -18.09 -4.09 -25.85
C GLU C 129 -17.75 -4.10 -24.39
N PHE C 130 -16.81 -4.90 -23.99
CA PHE C 130 -16.42 -4.94 -22.58
C PHE C 130 -16.05 -3.52 -22.07
N LEU C 131 -15.24 -2.85 -22.90
CA LEU C 131 -14.71 -1.48 -22.48
C LEU C 131 -15.87 -0.44 -22.57
N ASP C 132 -16.71 -0.56 -23.56
CA ASP C 132 -17.84 0.33 -23.67
C ASP C 132 -18.86 0.21 -22.51
N THR C 133 -19.07 -1.01 -22.07
CA THR C 133 -19.89 -1.32 -20.95
C THR C 133 -19.34 -0.82 -19.63
N SER C 134 -18.05 -0.95 -19.40
CA SER C 134 -17.45 -0.27 -18.28
C SER C 134 -17.68 1.29 -18.29
N LEU C 135 -17.41 1.91 -19.39
CA LEU C 135 -17.59 3.33 -19.48
C LEU C 135 -19.08 3.77 -19.24
N LEU C 136 -20.07 3.07 -19.82
CA LEU C 136 -21.45 3.32 -19.52
C LEU C 136 -21.83 3.14 -18.05
N SER C 137 -21.11 2.31 -17.30
CA SER C 137 -21.47 2.13 -15.90
C SER C 137 -21.09 3.38 -15.00
N LEU C 138 -20.30 4.29 -15.54
CA LEU C 138 -19.95 5.50 -14.87
C LEU C 138 -21.08 6.51 -14.95
N ASN C 139 -21.13 7.43 -13.99
CA ASN C 139 -22.08 8.54 -14.06
C ASN C 139 -21.60 9.62 -15.02
N GLN C 140 -22.54 10.28 -15.59
CA GLN C 140 -22.21 11.36 -16.38
C GLN C 140 -21.70 12.60 -15.60
N SER C 141 -20.71 13.28 -16.18
CA SER C 141 -20.07 14.35 -15.48
C SER C 141 -19.80 15.55 -16.41
N SER C 142 -20.01 16.73 -15.91
CA SER C 142 -19.77 17.93 -16.67
C SER C 142 -18.44 18.55 -16.25
N THR C 143 -17.72 18.00 -15.27
CA THR C 143 -16.51 18.56 -14.94
C THR C 143 -15.23 17.75 -15.46
N VAL C 144 -15.45 16.60 -16.03
CA VAL C 144 -14.37 15.79 -16.57
C VAL C 144 -13.86 16.43 -17.88
N ASP C 145 -12.56 16.58 -18.02
CA ASP C 145 -12.02 17.16 -19.27
C ASP C 145 -12.14 16.22 -20.42
N LEU C 146 -12.85 16.62 -21.48
CA LEU C 146 -13.18 15.72 -22.57
C LEU C 146 -11.90 15.22 -23.28
N ALA C 147 -10.98 16.11 -23.47
CA ALA C 147 -9.75 15.72 -24.29
C ALA C 147 -8.94 14.68 -23.48
N SER C 148 -8.81 14.86 -22.19
CA SER C 148 -8.09 13.89 -21.38
C SER C 148 -8.78 12.55 -21.35
N ALA C 149 -10.10 12.59 -21.12
CA ALA C 149 -10.82 11.34 -21.01
C ALA C 149 -10.77 10.54 -22.34
N VAL C 150 -11.00 11.20 -23.43
CA VAL C 150 -11.01 10.55 -24.78
C VAL C 150 -9.62 10.02 -25.06
N SER C 151 -8.64 10.82 -24.75
CA SER C 151 -7.25 10.38 -25.04
C SER C 151 -6.93 9.09 -24.21
N LEU C 152 -7.30 9.05 -22.96
CA LEU C 152 -6.95 7.86 -22.18
C LEU C 152 -7.80 6.67 -22.73
N ASP C 153 -9.04 6.89 -23.14
CA ASP C 153 -9.82 5.77 -23.72
C ASP C 153 -9.15 5.22 -24.98
N VAL C 154 -8.66 6.12 -25.87
CA VAL C 154 -8.06 5.75 -27.11
C VAL C 154 -6.73 5.05 -26.80
N SER C 155 -6.01 5.55 -25.81
CA SER C 155 -4.75 4.86 -25.39
C SER C 155 -5.03 3.45 -25.00
N LEU C 156 -6.09 3.23 -24.24
CA LEU C 156 -6.36 1.83 -23.81
C LEU C 156 -6.68 0.96 -24.99
N LEU C 157 -7.48 1.48 -25.94
CA LEU C 157 -7.87 0.67 -27.08
C LEU C 157 -6.60 0.26 -27.90
N HIS C 158 -5.67 1.16 -28.07
CA HIS C 158 -4.45 0.84 -28.79
C HIS C 158 -3.57 -0.17 -28.01
N LEU C 159 -3.55 -0.03 -26.67
CA LEU C 159 -2.75 -0.94 -25.87
C LEU C 159 -3.30 -2.36 -25.93
N VAL C 160 -4.61 -2.57 -25.80
CA VAL C 160 -5.15 -3.91 -25.75
C VAL C 160 -4.99 -4.55 -27.15
N SER C 161 -5.14 -3.74 -28.21
CA SER C 161 -4.95 -4.25 -29.58
C SER C 161 -3.49 -4.70 -29.81
N ALA C 162 -2.50 -3.87 -29.40
CA ALA C 162 -1.11 -4.24 -29.72
C ALA C 162 -0.72 -5.40 -28.84
N ARG C 163 -1.27 -5.51 -27.63
CA ARG C 163 -0.88 -6.56 -26.73
C ARG C 163 -1.28 -7.90 -27.31
N VAL C 164 -2.54 -8.01 -27.78
CA VAL C 164 -2.95 -9.32 -28.39
C VAL C 164 -2.35 -9.58 -29.74
N LEU C 165 -2.02 -8.53 -30.50
CA LEU C 165 -1.39 -8.71 -31.79
C LEU C 165 0.08 -9.20 -31.73
N LEU C 166 0.73 -9.13 -30.60
CA LEU C 166 1.95 -9.76 -30.45
C LEU C 166 1.87 -11.26 -30.61
N GLY C 167 0.68 -11.81 -30.40
CA GLY C 167 0.55 -13.20 -30.69
C GLY C 167 1.08 -13.64 -32.03
N TYR C 168 1.01 -12.77 -33.04
CA TYR C 168 1.44 -13.14 -34.40
C TYR C 168 2.97 -13.44 -34.50
N PRO C 169 3.84 -12.48 -34.13
CA PRO C 169 5.34 -12.77 -34.11
C PRO C 169 5.66 -13.73 -33.05
N ILE C 170 4.91 -13.77 -31.95
CA ILE C 170 5.22 -14.81 -31.00
C ILE C 170 5.04 -16.24 -31.59
N ALA C 171 3.95 -16.45 -32.32
CA ALA C 171 3.73 -17.73 -32.83
C ALA C 171 4.75 -18.12 -33.91
N LEU C 172 5.19 -17.18 -34.73
CA LEU C 172 6.31 -17.52 -35.70
C LEU C 172 7.60 -17.91 -35.06
N ALA C 173 7.96 -17.26 -33.95
CA ALA C 173 9.04 -17.69 -33.14
C ALA C 173 8.86 -19.04 -32.49
N LYS C 174 7.72 -19.30 -31.92
CA LYS C 174 7.43 -20.60 -31.32
C LYS C 174 7.46 -21.68 -32.42
N PHE C 175 6.96 -21.38 -33.62
CA PHE C 175 6.97 -22.34 -34.68
C PHE C 175 8.49 -22.67 -35.01
N ASP C 176 9.32 -21.67 -35.26
CA ASP C 176 10.72 -22.00 -35.47
C ASP C 176 11.42 -22.80 -34.38
N TRP C 177 11.02 -22.63 -33.14
CA TRP C 177 11.60 -23.39 -32.02
C TRP C 177 11.12 -24.81 -31.87
N LEU C 178 9.80 -25.03 -32.08
CA LEU C 178 9.07 -26.31 -31.78
C LEU C 178 8.46 -26.75 -33.05
N HIS C 179 9.29 -26.72 -34.02
CA HIS C 179 8.84 -26.96 -35.34
C HIS C 179 8.14 -28.31 -35.45
N ASP C 180 8.76 -29.34 -34.85
CA ASP C 180 8.24 -30.71 -35.00
C ASP C 180 6.91 -30.91 -34.34
N ASN C 181 6.71 -30.39 -33.16
CA ASN C 181 5.40 -30.54 -32.51
C ASN C 181 4.21 -29.98 -33.33
N PHE C 182 4.41 -28.81 -33.94
CA PHE C 182 3.32 -28.18 -34.71
C PHE C 182 3.15 -28.91 -36.03
N CYS C 183 4.26 -29.22 -36.69
CA CYS C 183 4.22 -29.90 -38.01
C CYS C 183 3.52 -31.27 -37.95
N HIS C 184 3.64 -31.88 -36.84
CA HIS C 184 3.02 -33.12 -36.58
C HIS C 184 1.47 -33.01 -36.52
N ILE C 185 0.94 -31.83 -36.14
CA ILE C 185 -0.53 -31.61 -36.26
C ILE C 185 -0.84 -31.13 -37.66
N LEU C 186 -0.05 -30.18 -38.13
CA LEU C 186 -0.41 -29.55 -39.40
C LEU C 186 -0.43 -30.54 -40.58
N THR C 187 0.45 -31.53 -40.58
CA THR C 187 0.49 -32.50 -41.76
C THR C 187 -0.43 -33.69 -41.54
N ASN C 188 -1.16 -33.73 -40.44
CA ASN C 188 -2.13 -34.77 -40.23
C ASN C 188 -3.42 -34.54 -40.99
N THR C 189 -3.54 -35.16 -42.17
CA THR C 189 -4.69 -34.99 -43.09
C THR C 189 -5.98 -35.61 -42.60
N THR C 190 -5.88 -36.41 -41.55
CA THR C 190 -7.06 -36.97 -40.94
C THR C 190 -7.82 -35.99 -40.01
N LEU C 191 -7.35 -34.73 -39.86
CA LEU C 191 -7.98 -33.75 -38.94
C LEU C 191 -8.67 -32.72 -39.74
N SER C 192 -9.88 -32.36 -39.39
CA SER C 192 -10.53 -31.11 -39.95
C SER C 192 -9.75 -29.87 -39.51
N LYS C 193 -10.03 -28.74 -40.19
CA LYS C 193 -9.41 -27.43 -39.95
C LYS C 193 -9.68 -27.05 -38.46
N SER C 194 -10.90 -27.30 -38.00
CA SER C 194 -11.33 -26.99 -36.68
C SER C 194 -10.69 -27.93 -35.63
N GLN C 195 -10.37 -29.15 -35.97
CA GLN C 195 -9.63 -29.98 -35.00
C GLN C 195 -8.12 -29.65 -34.93
N LYS C 196 -7.51 -29.27 -36.05
CA LYS C 196 -6.13 -28.82 -36.09
C LYS C 196 -6.03 -27.53 -35.17
N LEU C 197 -6.92 -26.55 -35.39
CA LEU C 197 -6.94 -25.32 -34.61
C LEU C 197 -7.02 -25.67 -33.11
N ALA C 198 -7.94 -26.52 -32.77
CA ALA C 198 -8.10 -26.89 -31.39
C ALA C 198 -6.84 -27.51 -30.76
N ASN C 199 -6.24 -28.41 -31.52
CA ASN C 199 -5.00 -29.03 -31.10
C ASN C 199 -3.83 -28.03 -31.02
N ILE C 200 -3.80 -27.08 -31.98
CA ILE C 200 -2.73 -26.06 -31.93
C ILE C 200 -2.94 -25.18 -30.61
N ILE C 201 -4.16 -24.68 -30.39
CA ILE C 201 -4.47 -23.93 -29.17
C ILE C 201 -4.01 -24.67 -27.94
N GLN C 202 -4.37 -25.93 -27.87
CA GLN C 202 -4.04 -26.79 -26.73
C GLN C 202 -2.50 -26.88 -26.54
N GLN C 203 -1.76 -27.07 -27.62
CA GLN C 203 -0.30 -27.07 -27.57
C GLN C 203 0.32 -25.75 -27.16
N LEU C 204 -0.29 -24.63 -27.60
CA LEU C 204 0.13 -23.30 -27.18
C LEU C 204 -0.25 -22.96 -25.73
N THR C 205 -1.11 -23.70 -25.11
CA THR C 205 -1.69 -23.14 -23.85
C THR C 205 -0.80 -23.63 -22.71
N ASP C 206 -0.44 -22.76 -21.80
CA ASP C 206 0.34 -23.06 -20.67
C ASP C 206 -0.35 -22.36 -19.49
N HIS C 207 -1.14 -23.10 -18.76
CA HIS C 207 -1.97 -22.51 -17.71
C HIS C 207 -1.20 -22.03 -16.49
N LYS C 208 -0.04 -22.63 -16.32
CA LYS C 208 0.84 -22.27 -15.28
C LYS C 208 1.32 -20.83 -15.48
N GLN C 209 1.70 -20.52 -16.68
CA GLN C 209 2.14 -19.16 -17.01
C GLN C 209 0.92 -18.17 -16.92
N GLU C 210 -0.24 -18.60 -17.33
CA GLU C 210 -1.49 -17.80 -17.27
C GLU C 210 -1.74 -17.44 -15.82
N VAL C 211 -1.63 -18.37 -14.92
CA VAL C 211 -1.86 -18.14 -13.48
C VAL C 211 -0.82 -17.22 -12.93
N ASN C 212 0.43 -17.34 -13.35
CA ASN C 212 1.46 -16.39 -12.92
C ASN C 212 1.06 -14.97 -13.36
N VAL C 213 0.64 -14.79 -14.56
CA VAL C 213 0.14 -13.47 -14.96
C VAL C 213 -1.05 -13.02 -14.13
N LEU C 214 -2.10 -13.85 -14.07
CA LEU C 214 -3.35 -13.40 -13.47
C LEU C 214 -3.21 -13.13 -11.95
N SER C 215 -2.38 -13.90 -11.23
CA SER C 215 -2.12 -13.61 -9.80
C SER C 215 -1.39 -12.29 -9.61
N ARG C 216 -0.50 -11.96 -10.51
CA ARG C 216 0.22 -10.72 -10.44
C ARG C 216 -0.67 -9.53 -10.86
N VAL C 217 -1.48 -9.77 -11.88
CA VAL C 217 -2.49 -8.74 -12.25
C VAL C 217 -3.38 -8.43 -11.06
N GLU C 218 -3.87 -9.47 -10.39
CA GLU C 218 -4.80 -9.24 -9.27
C GLU C 218 -4.08 -8.47 -8.11
N GLN C 219 -2.90 -8.89 -7.77
CA GLN C 219 -2.06 -8.20 -6.75
C GLN C 219 -1.77 -6.72 -7.15
N LYS C 220 -1.46 -6.50 -8.40
CA LYS C 220 -1.22 -5.07 -8.84
C LYS C 220 -2.42 -4.29 -8.81
N SER C 221 -3.48 -4.86 -9.28
CA SER C 221 -4.71 -4.14 -9.25
C SER C 221 -5.18 -3.71 -7.82
N LYS C 222 -4.93 -4.56 -6.86
CA LYS C 222 -5.28 -4.25 -5.47
C LYS C 222 -4.37 -3.19 -4.87
N SER C 223 -3.05 -3.40 -4.92
CA SER C 223 -2.10 -2.44 -4.32
C SER C 223 -2.18 -1.04 -5.00
N LEU C 224 -2.25 -1.01 -6.36
CA LEU C 224 -2.25 0.24 -7.08
C LEU C 224 -3.53 1.04 -6.85
N SER C 225 -4.62 0.38 -6.46
CA SER C 225 -5.85 1.04 -6.27
C SER C 225 -6.20 1.37 -4.86
N HIS C 226 -5.35 1.04 -3.95
CA HIS C 226 -5.58 1.48 -2.56
C HIS C 226 -4.35 2.08 -2.00
N LEU C 227 -4.14 3.34 -2.23
CA LEU C 227 -2.91 3.86 -1.77
C LEU C 227 -2.85 4.37 -0.39
N PHE C 228 -3.77 5.22 0.02
CA PHE C 228 -3.69 5.78 1.38
C PHE C 228 -5.02 5.59 2.03
N ARG C 229 -4.97 5.60 3.38
CA ARG C 229 -6.15 5.57 4.10
C ARG C 229 -7.08 6.77 3.82
N ASN C 230 -8.38 6.45 3.78
CA ASN C 230 -9.46 7.54 3.29
C ASN C 230 -9.29 8.14 1.87
N ASP C 231 -8.46 7.54 1.01
CA ASP C 231 -8.56 7.87 -0.43
C ASP C 231 -9.97 7.73 -0.91
N ILE C 232 -10.35 8.50 -1.91
CA ILE C 232 -11.72 8.32 -2.52
C ILE C 232 -11.61 6.99 -3.21
N PRO C 233 -12.53 6.13 -3.03
CA PRO C 233 -12.49 4.87 -3.67
C PRO C 233 -12.70 4.95 -5.18
N TYR C 234 -12.17 3.98 -5.91
CA TYR C 234 -12.39 3.86 -7.35
C TYR C 234 -13.88 3.37 -7.55
N PRO C 235 -14.41 3.46 -8.75
CA PRO C 235 -15.82 3.05 -8.92
C PRO C 235 -15.90 1.58 -8.56
N PRO C 236 -17.05 1.17 -8.04
CA PRO C 236 -17.27 -0.22 -7.83
C PRO C 236 -16.84 -1.20 -9.06
N HIS C 237 -16.30 -2.36 -8.70
CA HIS C 237 -15.80 -3.37 -9.58
C HIS C 237 -14.57 -2.99 -10.47
N THR C 238 -13.93 -1.84 -10.25
CA THR C 238 -12.77 -1.47 -11.07
C THR C 238 -11.67 -2.58 -10.97
N GLN C 239 -11.40 -3.18 -9.83
CA GLN C 239 -10.37 -4.17 -9.75
C GLN C 239 -10.82 -5.45 -10.47
N ASP C 240 -12.06 -5.89 -10.19
CA ASP C 240 -12.63 -7.06 -10.84
C ASP C 240 -12.56 -6.98 -12.39
N ARG C 241 -12.81 -5.79 -12.91
CA ARG C 241 -12.79 -5.53 -14.32
C ARG C 241 -11.42 -5.57 -14.93
N ILE C 242 -10.44 -5.09 -14.22
CA ILE C 242 -9.05 -5.18 -14.71
C ILE C 242 -8.70 -6.62 -14.85
N LEU C 243 -8.94 -7.42 -13.84
CA LEU C 243 -8.58 -8.82 -13.91
C LEU C 243 -9.36 -9.46 -15.07
N ARG C 244 -10.67 -9.20 -15.15
CA ARG C 244 -11.46 -9.85 -16.16
C ARG C 244 -10.97 -9.51 -17.57
N LEU C 245 -10.53 -8.27 -17.78
CA LEU C 245 -9.93 -7.99 -19.05
C LEU C 245 -8.86 -8.93 -19.49
N PHE C 246 -7.90 -9.19 -18.62
CA PHE C 246 -6.85 -10.13 -18.91
C PHE C 246 -7.35 -11.61 -19.04
N GLN C 247 -8.20 -12.00 -18.14
CA GLN C 247 -8.61 -13.41 -17.96
C GLN C 247 -9.53 -13.86 -19.01
N ALA C 248 -10.45 -12.98 -19.41
CA ALA C 248 -11.45 -13.41 -20.32
C ALA C 248 -11.17 -12.94 -21.75
N TYR C 249 -10.30 -11.94 -21.94
CA TYR C 249 -10.05 -11.39 -23.27
C TYR C 249 -8.53 -11.43 -23.65
N LEU C 250 -7.67 -10.76 -22.86
CA LEU C 250 -6.37 -10.58 -23.42
C LEU C 250 -5.67 -11.93 -23.66
N ILE C 251 -5.67 -12.76 -22.66
CA ILE C 251 -5.01 -14.11 -22.75
C ILE C 251 -5.60 -14.99 -23.80
N PRO C 252 -6.88 -15.30 -23.76
CA PRO C 252 -7.40 -16.17 -24.81
C PRO C 252 -7.33 -15.58 -26.23
N ILE C 253 -7.53 -14.25 -26.43
CA ILE C 253 -7.42 -13.67 -27.79
C ILE C 253 -6.03 -13.82 -28.31
N THR C 254 -5.04 -13.61 -27.46
CA THR C 254 -3.63 -13.75 -27.83
C THR C 254 -3.38 -15.17 -28.30
N THR C 255 -3.92 -16.17 -27.61
CA THR C 255 -3.67 -17.50 -27.94
C THR C 255 -4.38 -17.86 -29.27
N GLN C 256 -5.54 -17.32 -29.54
CA GLN C 256 -6.18 -17.59 -30.82
C GLN C 256 -5.45 -16.95 -31.98
N ILE C 257 -4.94 -15.78 -31.76
CA ILE C 257 -4.07 -15.12 -32.78
C ILE C 257 -2.84 -16.00 -33.07
N GLU C 258 -2.17 -16.44 -32.01
CA GLU C 258 -1.05 -17.34 -32.19
C GLU C 258 -1.42 -18.61 -33.00
N ALA C 259 -2.61 -19.19 -32.75
CA ALA C 259 -2.98 -20.42 -33.37
C ALA C 259 -3.24 -20.21 -34.85
N ALA C 260 -3.92 -19.11 -35.16
CA ALA C 260 -4.17 -18.72 -36.56
C ALA C 260 -2.85 -18.49 -37.30
N ALA C 261 -1.88 -17.85 -36.68
CA ALA C 261 -0.68 -17.70 -37.34
C ALA C 261 0.09 -19.03 -37.62
N ILE C 262 0.08 -19.93 -36.68
CA ILE C 262 0.72 -21.23 -36.95
C ILE C 262 0.00 -22.01 -38.10
N LEU C 263 -1.31 -22.15 -38.04
CA LEU C 263 -2.07 -22.66 -39.15
C LEU C 263 -1.80 -22.04 -40.56
N ASP C 264 -1.63 -20.72 -40.60
CA ASP C 264 -1.24 -19.88 -41.76
C ASP C 264 0.14 -20.26 -42.29
N HIS C 265 1.00 -20.91 -41.50
CA HIS C 265 2.39 -21.02 -41.87
C HIS C 265 2.67 -22.49 -41.96
N ALA C 266 1.64 -23.28 -42.31
CA ALA C 266 1.74 -24.73 -42.59
C ALA C 266 2.68 -25.19 -43.73
N ASN C 267 3.01 -24.27 -44.64
CA ASN C 267 3.89 -24.51 -45.83
C ASN C 267 5.32 -24.81 -45.36
N LYS C 268 5.73 -24.17 -44.26
CA LYS C 268 7.00 -24.42 -43.57
C LYS C 268 7.13 -25.88 -43.12
N CYS C 269 6.16 -26.78 -43.33
CA CYS C 269 6.35 -28.14 -42.88
C CYS C 269 6.96 -29.09 -43.96
N THR C 270 7.35 -28.56 -45.10
CA THR C 270 8.10 -29.32 -46.12
C THR C 270 9.50 -29.68 -45.54
N ALA D 15 -19.21 30.91 -2.06
CA ALA D 15 -17.84 31.17 -2.59
C ALA D 15 -16.74 30.29 -1.96
N GLY D 16 -16.80 30.05 -0.63
CA GLY D 16 -15.86 29.14 0.08
C GLY D 16 -16.09 27.66 -0.29
N ASP D 17 -17.35 27.31 -0.54
CA ASP D 17 -17.76 25.98 -1.02
C ASP D 17 -17.38 25.76 -2.47
N ARG D 18 -17.53 26.79 -3.26
CA ARG D 18 -17.18 26.73 -4.66
C ARG D 18 -15.59 26.56 -4.77
N LEU D 19 -14.85 27.14 -3.83
CA LEU D 19 -13.42 27.06 -3.77
C LEU D 19 -12.95 25.71 -3.31
N ASP D 20 -13.60 25.15 -2.29
CA ASP D 20 -13.38 23.76 -1.94
C ASP D 20 -13.62 22.81 -3.07
N ALA D 21 -14.75 22.88 -3.74
CA ALA D 21 -15.06 22.08 -4.87
C ALA D 21 -13.98 22.13 -5.98
N LEU D 22 -13.49 23.32 -6.30
CA LEU D 22 -12.41 23.49 -7.25
C LEU D 22 -11.05 22.90 -6.81
N ARG D 23 -10.74 22.99 -5.53
CA ARG D 23 -9.58 22.37 -4.98
C ARG D 23 -9.58 20.93 -4.99
N ASP D 24 -10.70 20.31 -4.74
CA ASP D 24 -10.83 18.88 -4.95
C ASP D 24 -10.63 18.45 -6.40
N GLN D 25 -11.23 19.22 -7.32
CA GLN D 25 -11.07 18.97 -8.76
C GLN D 25 -9.57 19.08 -9.16
N LEU D 26 -8.86 20.03 -8.61
CA LEU D 26 -7.43 20.17 -8.84
C LEU D 26 -6.69 18.96 -8.37
N GLN D 27 -6.90 18.57 -7.15
CA GLN D 27 -6.26 17.34 -6.67
C GLN D 27 -6.57 16.04 -7.37
N ARG D 28 -7.80 15.94 -7.90
N ARG D 28 -7.79 15.93 -7.88
CA ARG D 28 -8.22 14.79 -8.70
CA ARG D 28 -8.20 14.78 -8.66
C ARG D 28 -7.33 14.53 -9.95
C ARG D 28 -7.33 14.52 -9.92
N TYR D 29 -6.61 15.54 -10.41
CA TYR D 29 -5.66 15.35 -11.52
C TYR D 29 -4.38 14.63 -11.12
N GLU D 30 -4.03 14.64 -9.85
CA GLU D 30 -2.77 14.12 -9.48
C GLU D 30 -2.49 12.67 -9.84
N THR D 31 -3.33 11.79 -9.37
CA THR D 31 -3.18 10.39 -9.59
C THR D 31 -3.16 10.04 -11.10
N PRO D 32 -4.13 10.54 -11.88
CA PRO D 32 -4.10 10.21 -13.34
C PRO D 32 -2.84 10.72 -14.01
N ILE D 33 -2.30 11.88 -13.64
CA ILE D 33 -1.05 12.36 -14.21
C ILE D 33 0.08 11.37 -13.93
N ILE D 34 0.18 10.91 -12.71
CA ILE D 34 1.17 9.98 -12.32
C ILE D 34 1.06 8.69 -12.96
N GLN D 35 -0.15 8.15 -13.03
CA GLN D 35 -0.34 6.91 -13.63
C GLN D 35 -0.08 6.92 -15.12
N THR D 36 -0.43 8.01 -15.78
CA THR D 36 -0.25 8.13 -17.21
C THR D 36 1.28 8.23 -17.51
N ILE D 37 2.02 8.88 -16.65
CA ILE D 37 3.49 8.93 -16.87
C ILE D 37 4.09 7.54 -16.67
N LEU D 38 3.59 6.84 -15.60
CA LEU D 38 4.09 5.48 -15.34
C LEU D 38 3.75 4.50 -16.52
N ALA D 39 2.55 4.66 -17.07
CA ALA D 39 2.16 3.83 -18.13
C ALA D 39 3.08 3.97 -19.34
N ARG D 40 3.31 5.17 -19.71
CA ARG D 40 4.24 5.42 -20.84
C ARG D 40 5.63 4.94 -20.50
N SER D 41 6.09 5.21 -19.27
CA SER D 41 7.45 4.81 -18.93
C SER D 41 7.59 3.34 -18.88
N ALA D 42 6.57 2.61 -18.45
CA ALA D 42 6.60 1.10 -18.46
C ALA D 42 6.54 0.46 -19.80
N LEU D 43 5.96 1.16 -20.74
CA LEU D 43 5.65 0.57 -22.08
C LEU D 43 6.91 0.27 -22.89
N GLY D 44 7.91 1.07 -22.77
CA GLY D 44 9.09 0.82 -23.53
C GLY D 44 9.86 2.12 -23.93
N GLY D 45 10.90 1.97 -24.77
CA GLY D 45 11.67 3.13 -25.27
C GLY D 45 10.90 4.06 -26.27
N ARG D 46 11.59 4.94 -26.93
CA ARG D 46 11.02 5.92 -27.76
C ARG D 46 10.86 5.44 -29.20
N ALA D 47 9.73 5.62 -29.83
CA ALA D 47 9.59 5.18 -31.24
C ALA D 47 10.17 6.15 -32.17
N PRO D 48 10.50 5.64 -33.33
CA PRO D 48 10.92 6.52 -34.43
C PRO D 48 9.84 7.56 -34.75
N SER D 49 10.25 8.79 -34.80
CA SER D 49 9.34 9.91 -35.22
C SER D 49 8.19 10.17 -34.19
N GLU D 50 8.42 9.80 -32.91
CA GLU D 50 7.37 9.83 -31.90
C GLU D 50 6.94 11.23 -31.75
N GLN D 51 7.92 12.12 -31.70
CA GLN D 51 7.58 13.51 -31.49
C GLN D 51 6.79 14.19 -32.61
N ASP D 52 7.08 13.86 -33.85
CA ASP D 52 6.36 14.34 -34.98
C ASP D 52 4.91 13.76 -34.98
N GLU D 53 4.71 12.50 -34.55
CA GLU D 53 3.44 11.81 -34.48
C GLU D 53 2.63 12.39 -33.37
N VAL D 54 3.26 12.89 -32.32
CA VAL D 54 2.52 13.58 -31.26
C VAL D 54 1.94 14.87 -31.81
N ARG D 55 2.76 15.69 -32.46
CA ARG D 55 2.16 16.91 -33.11
C ARG D 55 1.12 16.59 -34.15
N ALA D 56 1.35 15.58 -34.98
CA ALA D 56 0.33 15.23 -35.91
C ALA D 56 -0.97 14.78 -35.21
N ALA D 57 -0.87 14.03 -34.13
CA ALA D 57 -2.11 13.62 -33.48
C ALA D 57 -2.85 14.79 -32.86
N LEU D 58 -2.10 15.73 -32.28
CA LEU D 58 -2.67 16.92 -31.72
C LEU D 58 -3.31 17.83 -32.81
N SER D 59 -2.74 17.85 -34.01
CA SER D 59 -3.35 18.58 -35.14
C SER D 59 -4.65 17.98 -35.64
N ARG D 60 -4.72 16.72 -35.63
CA ARG D 60 -5.91 16.04 -36.17
C ARG D 60 -7.07 15.95 -35.18
N ASN D 61 -6.76 16.15 -33.90
CA ASN D 61 -7.72 15.98 -32.83
C ASN D 61 -7.68 17.09 -31.93
N ALA D 62 -8.18 18.23 -32.40
CA ALA D 62 -7.98 19.40 -31.72
C ALA D 62 -9.29 19.54 -30.89
N PHE D 63 -9.13 19.79 -29.60
CA PHE D 63 -10.25 19.90 -28.67
C PHE D 63 -10.25 21.36 -28.32
N GLU D 64 -11.37 22.01 -28.41
CA GLU D 64 -11.37 23.49 -28.16
C GLU D 64 -11.51 23.63 -26.68
N PRO D 65 -10.94 24.71 -26.17
CA PRO D 65 -11.15 24.95 -24.75
C PRO D 65 -12.63 25.41 -24.55
N SER D 66 -13.10 25.41 -23.33
CA SER D 66 -14.36 26.09 -22.96
C SER D 66 -14.42 27.52 -23.56
N GLU D 67 -15.61 28.06 -23.67
CA GLU D 67 -15.82 29.44 -24.18
C GLU D 67 -15.12 30.49 -23.26
N VAL D 68 -15.21 30.31 -21.93
CA VAL D 68 -14.57 31.22 -20.96
C VAL D 68 -13.06 31.26 -21.18
N ILE D 69 -12.45 30.08 -21.17
CA ILE D 69 -10.97 30.00 -21.40
C ILE D 69 -10.59 30.52 -22.78
N SER D 70 -11.37 30.10 -23.76
CA SER D 70 -11.10 30.49 -25.12
C SER D 70 -11.12 32.00 -25.30
N GLU D 71 -12.11 32.68 -24.70
CA GLU D 71 -12.10 34.19 -24.68
C GLU D 71 -10.97 34.78 -23.83
N TRP D 72 -10.71 34.15 -22.67
CA TRP D 72 -9.62 34.63 -21.88
C TRP D 72 -8.33 34.51 -22.64
N LEU D 73 -8.07 33.39 -23.34
CA LEU D 73 -6.81 33.21 -24.15
C LEU D 73 -6.61 34.20 -25.30
N GLN D 74 -7.63 34.96 -25.68
CA GLN D 74 -7.50 36.01 -26.72
C GLN D 74 -7.19 37.38 -26.17
N THR D 75 -7.30 37.56 -24.86
CA THR D 75 -7.03 38.83 -24.26
C THR D 75 -5.58 38.99 -24.07
N GLU D 76 -5.12 40.19 -23.74
CA GLU D 76 -3.70 40.41 -23.54
C GLU D 76 -3.13 39.58 -22.32
N SER D 77 -3.96 39.48 -21.28
CA SER D 77 -3.58 38.79 -20.04
C SER D 77 -3.47 37.25 -20.35
N GLY D 78 -4.48 36.70 -21.00
CA GLY D 78 -4.49 35.26 -21.31
C GLY D 78 -3.58 34.74 -22.43
N ALA D 79 -3.20 35.65 -23.33
CA ALA D 79 -2.46 35.31 -24.53
C ALA D 79 -1.09 34.78 -24.17
N ARG D 80 -0.57 35.12 -23.00
CA ARG D 80 0.69 34.46 -22.54
C ARG D 80 0.56 32.93 -22.31
N PHE D 81 -0.64 32.43 -22.15
CA PHE D 81 -0.88 30.96 -21.94
C PHE D 81 -1.41 30.21 -23.18
N ARG D 82 -1.54 30.93 -24.27
CA ARG D 82 -1.88 30.38 -25.54
C ARG D 82 -0.68 29.86 -26.25
N SER D 83 -0.71 28.57 -26.53
CA SER D 83 0.41 27.92 -27.14
C SER D 83 0.33 28.06 -28.68
N THR D 84 1.48 28.02 -29.30
CA THR D 84 1.54 27.78 -30.69
C THR D 84 0.81 26.47 -31.04
N ARG D 85 -0.02 26.53 -32.07
CA ARG D 85 -0.66 25.29 -32.56
C ARG D 85 0.35 24.21 -32.83
N PRO D 86 0.04 22.93 -32.58
CA PRO D 86 -1.24 22.43 -32.08
C PRO D 86 -1.28 22.08 -30.57
N LEU D 87 -0.41 22.71 -29.76
CA LEU D 87 -0.26 22.45 -28.36
C LEU D 87 -1.40 23.03 -27.55
N PRO D 88 -1.91 22.27 -26.60
CA PRO D 88 -2.91 22.76 -25.68
C PRO D 88 -2.37 23.90 -24.80
N PRO D 89 -3.27 24.63 -24.17
CA PRO D 89 -2.93 25.83 -23.44
C PRO D 89 -1.99 25.61 -22.26
N ALA D 90 -1.09 26.55 -22.05
CA ALA D 90 -0.17 26.61 -21.02
C ALA D 90 1.01 25.69 -21.14
N VAL D 91 1.09 24.78 -22.12
CA VAL D 91 2.18 23.89 -22.14
C VAL D 91 3.52 24.47 -22.70
N GLU D 92 3.50 25.71 -23.14
CA GLU D 92 4.70 26.42 -23.57
C GLU D 92 5.01 27.55 -22.69
N PHE D 93 4.17 27.81 -21.69
CA PHE D 93 4.48 28.91 -20.78
C PHE D 93 5.77 28.78 -19.92
N ILE D 94 6.64 29.80 -19.95
CA ILE D 94 7.92 29.66 -19.31
C ILE D 94 7.93 30.42 -18.04
N THR D 95 8.12 29.81 -16.89
CA THR D 95 8.34 30.61 -15.69
C THR D 95 9.78 31.03 -15.61
N PRO D 96 10.09 32.12 -14.89
CA PRO D 96 11.54 32.52 -14.85
C PRO D 96 12.33 31.62 -13.91
N VAL D 97 13.64 31.53 -14.16
CA VAL D 97 14.52 30.79 -13.27
C VAL D 97 14.54 31.44 -11.90
N VAL D 98 14.23 30.70 -10.86
CA VAL D 98 14.25 31.18 -9.50
C VAL D 98 15.15 30.39 -8.58
N LEU D 99 15.73 29.27 -9.01
CA LEU D 99 16.50 28.46 -8.08
C LEU D 99 17.89 28.40 -8.62
N SER D 100 18.87 28.09 -7.76
CA SER D 100 20.23 27.94 -8.31
C SER D 100 20.44 26.45 -8.68
N ARG D 101 21.37 26.22 -9.60
CA ARG D 101 21.80 24.83 -9.92
C ARG D 101 21.81 23.75 -8.88
N ASP D 102 22.38 24.11 -7.73
CA ASP D 102 22.68 23.22 -6.60
C ASP D 102 21.53 23.09 -5.69
N THR D 103 20.42 23.76 -5.98
CA THR D 103 19.35 23.65 -5.02
C THR D 103 18.99 22.13 -4.81
N VAL D 104 18.77 21.82 -3.53
CA VAL D 104 18.42 20.52 -3.05
C VAL D 104 16.90 20.46 -3.09
N LEU D 105 16.44 19.48 -3.85
CA LEU D 105 15.03 19.52 -4.26
C LEU D 105 14.06 18.85 -3.30
N ASP D 106 14.51 17.77 -2.66
CA ASP D 106 13.53 16.89 -1.99
C ASP D 106 13.94 16.37 -0.60
N LYS D 107 14.84 17.10 0.07
CA LYS D 107 15.34 16.81 1.44
C LYS D 107 15.26 18.08 2.31
N PRO D 108 15.03 17.92 3.64
CA PRO D 108 15.16 19.10 4.54
C PRO D 108 16.59 19.70 4.50
N VAL D 109 16.65 21.02 4.42
CA VAL D 109 17.88 21.84 4.50
C VAL D 109 17.61 22.84 5.64
N VAL D 110 18.44 22.80 6.69
CA VAL D 110 18.32 23.75 7.82
C VAL D 110 18.21 25.21 7.34
N GLY D 111 17.13 25.86 7.81
CA GLY D 111 16.84 27.28 7.55
C GLY D 111 16.18 27.57 6.20
N LYS D 112 15.96 26.53 5.40
CA LYS D 112 15.41 26.65 4.01
C LYS D 112 14.08 25.93 3.80
N GLY D 113 13.80 24.89 4.58
CA GLY D 113 12.54 24.18 4.53
C GLY D 113 12.73 23.08 3.50
N ILE D 114 11.72 22.85 2.67
CA ILE D 114 11.77 21.68 1.83
C ILE D 114 10.89 21.93 0.60
N PHE D 115 11.22 21.27 -0.52
CA PHE D 115 10.52 21.34 -1.71
C PHE D 115 10.43 22.74 -2.27
N PRO D 116 11.55 23.36 -2.49
CA PRO D 116 11.43 24.64 -3.12
C PRO D 116 10.90 24.51 -4.52
N ILE D 117 9.96 25.37 -4.87
CA ILE D 117 9.36 25.31 -6.19
C ILE D 117 10.05 26.10 -7.30
N GLY D 118 9.81 25.72 -8.56
CA GLY D 118 10.21 26.48 -9.69
C GLY D 118 11.48 25.93 -10.31
N ARG D 119 11.89 26.61 -11.38
CA ARG D 119 12.91 26.08 -12.27
C ARG D 119 14.37 26.48 -11.86
N ARG D 120 15.25 25.55 -12.07
CA ARG D 120 16.71 25.87 -12.01
C ARG D 120 17.14 26.25 -13.39
N PRO D 121 18.39 26.74 -13.55
CA PRO D 121 18.79 27.16 -14.91
C PRO D 121 18.83 25.99 -15.90
N GLN D 122 19.16 24.81 -15.42
CA GLN D 122 19.21 23.63 -16.29
C GLN D 122 17.82 22.96 -16.62
N ASP D 123 16.77 23.32 -15.90
CA ASP D 123 15.39 22.72 -16.16
C ASP D 123 14.89 23.15 -17.46
N PRO D 124 14.31 22.22 -18.18
CA PRO D 124 13.76 22.68 -19.49
C PRO D 124 12.75 23.90 -19.29
N THR D 125 12.55 24.69 -20.33
CA THR D 125 11.83 25.97 -20.22
C THR D 125 10.35 25.82 -19.88
N ASN D 126 9.73 24.79 -20.42
CA ASN D 126 8.27 24.61 -20.32
C ASN D 126 7.85 23.15 -20.27
N MET D 127 6.58 22.90 -20.07
CA MET D 127 6.16 21.54 -19.92
C MET D 127 6.34 20.76 -21.24
N ASP D 128 6.12 21.42 -22.33
CA ASP D 128 6.32 20.77 -23.65
C ASP D 128 7.77 20.26 -23.83
N GLU D 129 8.72 21.09 -23.47
CA GLU D 129 10.11 20.64 -23.57
C GLU D 129 10.51 19.70 -22.49
N PHE D 130 9.92 19.82 -21.28
CA PHE D 130 10.25 18.94 -20.19
C PHE D 130 9.84 17.53 -20.61
N LEU D 131 8.60 17.41 -21.10
CA LEU D 131 8.11 16.06 -21.58
C LEU D 131 8.91 15.50 -22.81
N ASP D 132 9.29 16.39 -23.71
CA ASP D 132 10.09 16.01 -24.93
C ASP D 132 11.53 15.56 -24.54
N THR D 133 12.12 16.25 -23.57
CA THR D 133 13.41 15.87 -23.07
C THR D 133 13.36 14.58 -22.30
N SER D 134 12.29 14.36 -21.53
CA SER D 134 12.13 13.03 -20.96
C SER D 134 12.08 11.95 -21.94
N LEU D 135 11.30 12.12 -23.02
CA LEU D 135 11.21 11.07 -24.06
C LEU D 135 12.57 10.85 -24.70
N LEU D 136 13.30 11.95 -24.97
CA LEU D 136 14.64 11.83 -25.58
C LEU D 136 15.59 11.12 -24.69
N SER D 137 15.29 11.01 -23.41
CA SER D 137 16.20 10.35 -22.51
C SER D 137 16.08 8.81 -22.54
N LEU D 138 15.04 8.24 -23.24
CA LEU D 138 14.91 6.79 -23.35
C LEU D 138 15.71 6.27 -24.49
N ASN D 139 16.06 4.98 -24.50
CA ASN D 139 16.59 4.35 -25.69
C ASN D 139 15.55 4.43 -26.73
N GLN D 140 16.00 4.52 -27.94
CA GLN D 140 15.21 4.24 -29.13
C GLN D 140 14.83 2.82 -29.25
N SER D 141 13.57 2.57 -29.67
CA SER D 141 13.12 1.20 -29.73
C SER D 141 12.37 0.98 -31.08
N SER D 142 12.68 -0.09 -31.76
CA SER D 142 11.89 -0.53 -32.95
C SER D 142 10.77 -1.43 -32.54
N THR D 143 10.59 -1.76 -31.25
CA THR D 143 9.49 -2.67 -30.90
C THR D 143 8.32 -1.92 -30.18
N VAL D 144 8.49 -0.73 -29.61
CA VAL D 144 7.35 -0.04 -28.97
C VAL D 144 6.24 0.33 -30.00
N ASP D 145 5.00 0.05 -29.66
CA ASP D 145 3.84 0.33 -30.47
C ASP D 145 3.64 1.87 -30.51
N LEU D 146 3.68 2.40 -31.72
CA LEU D 146 3.59 3.83 -31.98
C LEU D 146 2.26 4.39 -31.54
N ALA D 147 1.16 3.75 -31.94
CA ALA D 147 -0.18 4.32 -31.57
C ALA D 147 -0.31 4.42 -30.02
N SER D 148 0.12 3.39 -29.30
CA SER D 148 0.01 3.40 -27.82
C SER D 148 0.88 4.44 -27.24
N ALA D 149 2.12 4.53 -27.67
CA ALA D 149 3.04 5.54 -27.16
C ALA D 149 2.59 6.97 -27.38
N VAL D 150 2.17 7.25 -28.60
CA VAL D 150 1.70 8.54 -28.98
C VAL D 150 0.43 8.88 -28.20
N SER D 151 -0.51 7.94 -28.13
CA SER D 151 -1.78 8.25 -27.41
C SER D 151 -1.54 8.55 -25.94
N LEU D 152 -0.64 7.82 -25.30
CA LEU D 152 -0.24 8.13 -23.90
C LEU D 152 0.46 9.47 -23.76
N ASP D 153 1.34 9.78 -24.71
CA ASP D 153 2.06 11.11 -24.65
C ASP D 153 0.94 12.22 -24.79
N VAL D 154 -0.02 12.05 -25.71
CA VAL D 154 -1.01 13.07 -25.96
C VAL D 154 -1.94 13.18 -24.73
N SER D 155 -2.23 12.06 -24.11
CA SER D 155 -3.06 12.04 -22.88
C SER D 155 -2.40 12.92 -21.84
N LEU D 156 -1.12 12.78 -21.68
CA LEU D 156 -0.42 13.54 -20.64
C LEU D 156 -0.41 15.01 -20.92
N LEU D 157 -0.22 15.41 -22.19
CA LEU D 157 -0.37 16.81 -22.56
C LEU D 157 -1.71 17.41 -22.26
N HIS D 158 -2.75 16.68 -22.53
CA HIS D 158 -4.09 17.22 -22.17
C HIS D 158 -4.29 17.32 -20.67
N LEU D 159 -3.78 16.36 -19.93
CA LEU D 159 -3.99 16.36 -18.48
C LEU D 159 -3.24 17.47 -17.86
N VAL D 160 -1.97 17.72 -18.24
CA VAL D 160 -1.26 18.78 -17.58
C VAL D 160 -1.85 20.13 -17.92
N SER D 161 -2.34 20.26 -19.15
CA SER D 161 -2.96 21.52 -19.56
C SER D 161 -4.23 21.75 -18.68
N ALA D 162 -5.12 20.74 -18.58
CA ALA D 162 -6.38 20.97 -17.89
C ALA D 162 -6.08 21.21 -16.39
N ARG D 163 -5.05 20.56 -15.87
CA ARG D 163 -4.74 20.76 -14.43
C ARG D 163 -4.42 22.29 -14.15
N VAL D 164 -3.53 22.86 -14.91
CA VAL D 164 -3.08 24.16 -14.63
C VAL D 164 -4.17 25.20 -14.99
N LEU D 165 -5.10 24.87 -15.90
CA LEU D 165 -6.10 25.78 -16.29
C LEU D 165 -7.16 25.93 -15.22
N LEU D 166 -7.22 25.00 -14.27
CA LEU D 166 -8.07 25.17 -13.16
C LEU D 166 -7.67 26.36 -12.30
N GLY D 167 -6.44 26.84 -12.43
CA GLY D 167 -6.00 28.09 -11.82
C GLY D 167 -6.92 29.26 -12.08
N TYR D 168 -7.59 29.27 -13.22
CA TYR D 168 -8.44 30.41 -13.62
C TYR D 168 -9.67 30.48 -12.69
N PRO D 169 -10.49 29.39 -12.61
CA PRO D 169 -11.68 29.51 -11.75
C PRO D 169 -11.31 29.55 -10.30
N ILE D 170 -10.20 28.91 -9.95
CA ILE D 170 -9.75 28.91 -8.59
C ILE D 170 -9.46 30.39 -8.14
N ALA D 171 -8.77 31.14 -8.98
CA ALA D 171 -8.41 32.46 -8.71
C ALA D 171 -9.71 33.34 -8.54
N LEU D 172 -10.70 33.19 -9.41
CA LEU D 172 -11.92 33.93 -9.29
C LEU D 172 -12.61 33.67 -7.97
N ALA D 173 -12.61 32.44 -7.57
CA ALA D 173 -13.20 32.06 -6.34
C ALA D 173 -12.41 32.56 -5.18
N LYS D 174 -11.08 32.56 -5.27
CA LYS D 174 -10.30 33.19 -4.19
C LYS D 174 -10.58 34.74 -4.11
N PHE D 175 -10.76 35.39 -5.24
CA PHE D 175 -10.97 36.83 -5.31
C PHE D 175 -12.29 37.18 -4.61
N ASP D 176 -13.33 36.39 -4.87
CA ASP D 176 -14.58 36.56 -4.18
C ASP D 176 -14.47 36.16 -2.68
N TRP D 177 -13.30 36.06 -2.08
CA TRP D 177 -13.17 35.51 -0.74
C TRP D 177 -12.22 36.37 0.13
N LEU D 178 -11.06 36.73 -0.41
CA LEU D 178 -10.17 37.71 0.22
C LEU D 178 -9.96 38.84 -0.78
N HIS D 179 -11.14 39.35 -1.14
CA HIS D 179 -11.29 40.52 -1.93
C HIS D 179 -10.31 41.62 -1.48
N ASP D 180 -10.28 41.91 -0.19
CA ASP D 180 -9.61 43.12 0.29
C ASP D 180 -8.13 43.06 0.04
N ASN D 181 -7.51 41.94 0.42
CA ASN D 181 -6.04 41.73 0.26
C ASN D 181 -5.52 41.85 -1.17
N PHE D 182 -6.26 41.33 -2.16
CA PHE D 182 -5.88 41.54 -3.62
C PHE D 182 -6.11 42.98 -4.10
N CYS D 183 -7.25 43.54 -3.71
CA CYS D 183 -7.64 44.88 -4.11
C CYS D 183 -6.62 45.88 -3.53
N HIS D 184 -6.13 45.61 -2.35
CA HIS D 184 -5.00 46.42 -1.89
C HIS D 184 -3.76 46.52 -2.77
N ILE D 185 -3.47 45.44 -3.48
CA ILE D 185 -2.38 45.48 -4.41
C ILE D 185 -2.86 46.03 -5.75
N LEU D 186 -4.04 45.63 -6.21
CA LEU D 186 -4.51 46.04 -7.53
C LEU D 186 -4.77 47.58 -7.68
N THR D 187 -5.27 48.21 -6.63
CA THR D 187 -5.56 49.67 -6.67
C THR D 187 -4.38 50.49 -6.26
N ASN D 188 -3.22 49.86 -6.00
CA ASN D 188 -2.00 50.64 -5.84
C ASN D 188 -1.33 51.13 -7.10
N THR D 189 -1.68 52.38 -7.50
CA THR D 189 -1.03 53.22 -8.56
C THR D 189 0.49 53.50 -8.31
N THR D 190 0.94 53.39 -7.06
CA THR D 190 2.42 53.30 -6.72
C THR D 190 3.20 52.14 -7.39
N LEU D 191 2.56 50.98 -7.67
CA LEU D 191 3.25 49.78 -8.18
C LEU D 191 3.15 49.60 -9.70
N SER D 192 4.29 49.24 -10.28
CA SER D 192 4.39 48.80 -11.69
C SER D 192 3.55 47.55 -11.95
N LYS D 193 3.25 47.26 -13.21
CA LYS D 193 2.50 46.08 -13.52
C LYS D 193 3.24 44.77 -13.14
N SER D 194 4.53 44.75 -13.43
CA SER D 194 5.39 43.62 -13.06
C SER D 194 5.41 43.44 -11.53
N GLN D 195 5.47 44.55 -10.81
CA GLN D 195 5.41 44.52 -9.35
C GLN D 195 4.05 43.99 -8.80
N LYS D 196 2.94 44.32 -9.49
CA LYS D 196 1.59 43.92 -9.03
C LYS D 196 1.51 42.36 -9.11
N LEU D 197 1.80 41.89 -10.30
CA LEU D 197 1.90 40.46 -10.59
C LEU D 197 2.75 39.67 -9.61
N ALA D 198 4.00 40.09 -9.39
CA ALA D 198 4.83 39.52 -8.35
C ALA D 198 4.21 39.46 -7.00
N ASN D 199 3.53 40.57 -6.59
CA ASN D 199 2.95 40.70 -5.26
C ASN D 199 1.76 39.79 -5.18
N ILE D 200 0.95 39.75 -6.23
CA ILE D 200 -0.22 38.86 -6.26
C ILE D 200 0.23 37.39 -6.18
N ILE D 201 1.25 37.04 -6.92
CA ILE D 201 1.85 35.68 -6.83
C ILE D 201 2.21 35.39 -5.41
N GLN D 202 2.88 36.33 -4.75
CA GLN D 202 3.34 36.07 -3.37
C GLN D 202 2.16 35.86 -2.39
N GLN D 203 1.12 36.69 -2.55
CA GLN D 203 -0.14 36.58 -1.82
C GLN D 203 -0.81 35.25 -2.00
N LEU D 204 -0.82 34.75 -3.24
CA LEU D 204 -1.36 33.46 -3.58
C LEU D 204 -0.56 32.31 -3.08
N THR D 205 0.72 32.50 -2.74
CA THR D 205 1.58 31.38 -2.47
C THR D 205 1.42 30.97 -1.01
N ASP D 206 1.10 29.70 -0.80
CA ASP D 206 1.07 29.06 0.51
C ASP D 206 2.00 27.82 0.40
N HIS D 207 3.23 27.95 0.89
CA HIS D 207 4.23 26.93 0.77
C HIS D 207 3.87 25.73 1.57
N LYS D 208 3.06 25.90 2.60
CA LYS D 208 2.72 24.81 3.44
C LYS D 208 1.76 23.89 2.65
N GLN D 209 0.82 24.45 1.89
CA GLN D 209 -0.04 23.69 1.06
C GLN D 209 0.83 23.03 -0.08
N GLU D 210 1.80 23.73 -0.63
CA GLU D 210 2.74 23.17 -1.65
C GLU D 210 3.53 21.89 -1.17
N VAL D 211 3.98 21.91 0.05
CA VAL D 211 4.72 20.79 0.71
C VAL D 211 3.74 19.68 0.89
N ASN D 212 2.55 19.97 1.29
CA ASN D 212 1.52 18.98 1.33
C ASN D 212 1.28 18.20 -0.01
N VAL D 213 1.16 18.97 -1.07
CA VAL D 213 0.95 18.39 -2.43
C VAL D 213 2.16 17.61 -2.81
N LEU D 214 3.33 18.18 -2.59
CA LEU D 214 4.56 17.50 -3.04
C LEU D 214 4.89 16.28 -2.27
N SER D 215 4.73 16.27 -0.94
CA SER D 215 4.87 15.05 -0.17
C SER D 215 3.98 13.97 -0.64
N ARG D 216 2.74 14.31 -0.88
CA ARG D 216 1.79 13.36 -1.32
C ARG D 216 2.18 12.80 -2.73
N VAL D 217 2.61 13.68 -3.63
CA VAL D 217 2.96 13.21 -4.98
C VAL D 217 4.13 12.26 -4.90
N GLU D 218 5.13 12.59 -4.06
CA GLU D 218 6.27 11.71 -3.89
C GLU D 218 5.82 10.35 -3.31
N GLN D 219 4.93 10.33 -2.32
CA GLN D 219 4.49 9.02 -1.78
C GLN D 219 3.61 8.25 -2.84
N LYS D 220 2.74 8.98 -3.53
CA LYS D 220 1.93 8.35 -4.65
C LYS D 220 2.91 7.74 -5.71
N SER D 221 3.93 8.53 -6.11
N SER D 221 3.86 8.54 -6.13
CA SER D 221 4.97 8.05 -7.11
CA SER D 221 4.73 8.05 -7.17
C SER D 221 5.72 6.84 -6.68
C SER D 221 5.63 6.88 -6.68
N LYS D 222 6.03 6.82 -5.42
CA LYS D 222 6.71 5.66 -4.92
C LYS D 222 5.77 4.39 -4.85
N SER D 223 4.57 4.53 -4.29
CA SER D 223 3.71 3.36 -4.17
C SER D 223 3.23 2.91 -5.55
N LEU D 224 2.89 3.83 -6.45
CA LEU D 224 2.39 3.45 -7.76
C LEU D 224 3.47 2.82 -8.67
N SER D 225 4.73 3.09 -8.42
CA SER D 225 5.86 2.54 -9.21
C SER D 225 6.55 1.43 -8.57
N HIS D 226 5.97 0.92 -7.52
CA HIS D 226 6.52 -0.30 -6.93
C HIS D 226 6.63 -1.49 -7.87
N LEU D 227 7.73 -2.21 -7.80
CA LEU D 227 7.86 -3.36 -8.54
C LEU D 227 7.47 -4.61 -7.77
N PHE D 228 6.55 -5.34 -8.36
CA PHE D 228 6.18 -6.59 -7.84
C PHE D 228 7.15 -7.64 -8.41
N ARG D 229 7.07 -8.78 -7.84
CA ARG D 229 7.93 -9.83 -8.30
C ARG D 229 7.72 -10.12 -9.81
N ASN D 230 8.84 -10.14 -10.50
CA ASN D 230 9.02 -10.34 -11.94
C ASN D 230 8.70 -9.10 -12.77
N ASP D 231 8.42 -7.96 -12.15
CA ASP D 231 8.10 -6.80 -12.92
C ASP D 231 9.39 -6.30 -13.59
N ILE D 232 9.22 -5.77 -14.79
CA ILE D 232 10.31 -5.00 -15.49
C ILE D 232 10.44 -3.63 -14.86
N PRO D 233 11.65 -3.29 -14.49
CA PRO D 233 11.94 -1.95 -13.89
C PRO D 233 11.63 -0.71 -14.80
N TYR D 234 11.29 0.40 -14.16
CA TYR D 234 11.07 1.63 -14.80
C TYR D 234 12.41 2.18 -15.21
N PRO D 235 12.49 3.02 -16.26
CA PRO D 235 13.77 3.63 -16.59
C PRO D 235 14.30 4.47 -15.41
N PRO D 236 15.63 4.65 -15.37
CA PRO D 236 16.20 5.50 -14.34
C PRO D 236 15.58 6.87 -14.19
N HIS D 237 15.48 7.28 -12.95
CA HIS D 237 15.02 8.59 -12.55
C HIS D 237 13.50 8.86 -12.81
N THR D 238 12.70 7.87 -13.10
CA THR D 238 11.24 8.09 -13.43
C THR D 238 10.49 8.75 -12.28
N GLN D 239 10.73 8.34 -11.05
CA GLN D 239 10.12 9.05 -9.85
C GLN D 239 10.59 10.45 -9.67
N ASP D 240 11.88 10.70 -9.91
CA ASP D 240 12.37 12.07 -9.78
C ASP D 240 11.68 12.96 -10.81
N ARG D 241 11.39 12.46 -11.99
CA ARG D 241 10.87 13.33 -13.02
C ARG D 241 9.41 13.57 -12.71
N ILE D 242 8.69 12.59 -12.20
CA ILE D 242 7.27 12.81 -11.84
C ILE D 242 7.21 13.94 -10.82
N LEU D 243 8.02 13.88 -9.76
CA LEU D 243 8.03 14.92 -8.77
C LEU D 243 8.43 16.28 -9.41
N ARG D 244 9.40 16.29 -10.30
CA ARG D 244 9.84 17.57 -10.85
C ARG D 244 8.74 18.19 -11.72
N LEU D 245 7.98 17.37 -12.45
CA LEU D 245 6.86 17.94 -13.19
C LEU D 245 5.94 18.82 -12.26
N PHE D 246 5.62 18.29 -11.07
CA PHE D 246 4.73 19.06 -10.12
C PHE D 246 5.46 20.25 -9.52
N GLN D 247 6.70 20.03 -9.13
CA GLN D 247 7.46 20.98 -8.34
C GLN D 247 7.98 22.20 -9.15
N ALA D 248 8.47 21.92 -10.32
CA ALA D 248 9.06 22.97 -11.17
C ALA D 248 8.09 23.52 -12.25
N TYR D 249 6.97 22.83 -12.50
CA TYR D 249 5.99 23.30 -13.52
C TYR D 249 4.55 23.39 -13.05
N LEU D 250 3.94 22.29 -12.67
CA LEU D 250 2.45 22.36 -12.46
C LEU D 250 2.10 23.41 -11.36
N ILE D 251 2.81 23.36 -10.24
CA ILE D 251 2.51 24.26 -9.17
C ILE D 251 2.74 25.73 -9.56
N PRO D 252 3.91 26.07 -10.07
CA PRO D 252 4.20 27.48 -10.35
C PRO D 252 3.42 28.04 -11.50
N ILE D 253 3.22 27.25 -12.53
CA ILE D 253 2.42 27.74 -13.65
C ILE D 253 0.96 27.92 -13.19
N THR D 254 0.44 27.04 -12.38
CA THR D 254 -0.98 27.23 -11.96
C THR D 254 -1.06 28.58 -11.16
N THR D 255 -0.09 28.84 -10.29
CA THR D 255 -0.10 30.16 -9.53
C THR D 255 -0.02 31.33 -10.46
N GLN D 256 0.80 31.19 -11.53
CA GLN D 256 0.90 32.25 -12.50
C GLN D 256 -0.41 32.47 -13.19
N ILE D 257 -1.09 31.38 -13.58
CA ILE D 257 -2.39 31.50 -14.21
C ILE D 257 -3.40 32.23 -13.23
N GLU D 258 -3.37 31.84 -11.98
CA GLU D 258 -4.23 32.50 -10.95
C GLU D 258 -3.97 34.04 -10.83
N ALA D 259 -2.70 34.38 -10.82
CA ALA D 259 -2.32 35.77 -10.71
C ALA D 259 -2.79 36.51 -11.94
N ALA D 260 -2.62 35.95 -13.13
CA ALA D 260 -3.16 36.64 -14.31
C ALA D 260 -4.65 36.75 -14.25
N ALA D 261 -5.35 35.74 -13.72
CA ALA D 261 -6.81 35.94 -13.65
C ALA D 261 -7.19 37.08 -12.67
N ILE D 262 -6.41 37.25 -11.62
CA ILE D 262 -6.77 38.20 -10.57
C ILE D 262 -6.61 39.62 -11.19
N LEU D 263 -5.47 39.87 -11.86
CA LEU D 263 -5.23 41.11 -12.58
C LEU D 263 -6.24 41.38 -13.58
N ASP D 264 -6.64 40.34 -14.30
CA ASP D 264 -7.67 40.48 -15.31
C ASP D 264 -8.92 41.17 -14.66
N HIS D 265 -9.23 40.89 -13.40
CA HIS D 265 -10.50 41.30 -12.82
C HIS D 265 -10.27 42.43 -11.87
N ALA D 266 -9.46 43.41 -12.26
CA ALA D 266 -9.14 44.55 -11.42
C ALA D 266 -10.32 45.53 -11.30
N ASN D 267 -11.17 45.52 -12.35
CA ASN D 267 -12.44 46.28 -12.41
C ASN D 267 -13.40 45.97 -11.25
N LYS D 268 -13.25 44.81 -10.60
CA LYS D 268 -14.10 44.39 -9.48
C LYS D 268 -13.69 45.00 -8.13
N CYS D 269 -12.66 45.85 -8.13
CA CYS D 269 -12.25 46.58 -6.91
C CYS D 269 -13.00 47.96 -6.67
N THR D 270 -13.77 48.47 -7.63
CA THR D 270 -14.26 49.90 -7.64
C THR D 270 -14.69 50.66 -6.32
#